data_7EEH
#
_entry.id   7EEH
#
_cell.length_a   79.746
_cell.length_b   99.488
_cell.length_c   193.925
_cell.angle_alpha   90.000
_cell.angle_beta   90.000
_cell.angle_gamma   90.000
#
_symmetry.space_group_name_H-M   'P 21 21 21'
#
loop_
_entity.id
_entity.type
_entity.pdbx_description
1 polymer TqaL
2 non-polymer 2-AMINO-2-HYDROXYMETHYL-PROPANE-1,3-DIOL
3 non-polymer 'FE (III) ION'
4 water water
#
_entity_poly.entity_id   1
_entity_poly.type   'polypeptide(L)'
_entity_poly.pdbx_seq_one_letter_code
;(MSE)RLDVT(MSE)RVFNPSYYTAIAEI(MSE)KLRSKYITNRSIFVEGSD(MSE)VPLLLGLGATRADLDALQRVSNN
LYSDPTLPFRRSRNGRFCFDFSTRSVRRLEFQPFALSVEEDFKRHDSGQIRVFDEVQDELQLNTAFQALLVFKG(MSE)I
CHGVQTTHRPRLDYSSDKWVCTLFNLRTVTTPSILGEPALEGVHTDGVDHT(MSE)TTYLGSKN(MSE)DLAANSAVTF
(MSE)HD(MSE)NEETGAKYTEIKPQNLRSRVQHRHFLDTLLLVDTENKHSLSPVLPLDETKEATRD(MSE)LIFFTRRP
VKKGDGGHISENIDSFRPHEELP(MSE)EVPLFL
;
_entity_poly.pdbx_strand_id   A,B,C,D
#
loop_
_chem_comp.id
_chem_comp.type
_chem_comp.name
_chem_comp.formula
FE non-polymer 'FE (III) ION' 'Fe 3'
TRS non-polymer 2-AMINO-2-HYDROXYMETHYL-PROPANE-1,3-DIOL 'C4 H12 N O3 1'
#
# COMPACT_ATOMS: atom_id res chain seq x y z
N ARG A 8 -17.47 -7.51 7.64
CA ARG A 8 -16.42 -6.49 7.61
C ARG A 8 -15.13 -7.02 8.22
N VAL A 9 -15.25 -8.02 9.11
CA VAL A 9 -14.06 -8.71 9.59
C VAL A 9 -13.30 -9.35 8.43
N PHE A 10 -13.94 -9.49 7.27
CA PHE A 10 -13.33 -10.08 6.09
C PHE A 10 -13.00 -9.04 5.02
N ASN A 11 -13.25 -7.76 5.27
CA ASN A 11 -13.18 -6.71 4.25
C ASN A 11 -11.77 -6.12 4.19
N PRO A 12 -11.06 -6.20 3.05
CA PRO A 12 -9.68 -5.69 3.02
C PRO A 12 -9.55 -4.22 3.39
N SER A 13 -10.54 -3.40 3.01
CA SER A 13 -10.47 -1.97 3.32
C SER A 13 -10.46 -1.71 4.82
N TYR A 14 -11.04 -2.63 5.61
CA TYR A 14 -10.99 -2.50 7.06
C TYR A 14 -9.54 -2.56 7.56
N TYR A 15 -8.79 -3.56 7.11
CA TYR A 15 -7.41 -3.75 7.57
C TYR A 15 -6.47 -2.71 6.98
N THR A 16 -6.71 -2.29 5.74
CA THR A 16 -5.95 -1.17 5.19
C THR A 16 -6.13 0.08 6.05
N ALA A 17 -7.35 0.30 6.55
CA ALA A 17 -7.58 1.44 7.43
C ALA A 17 -6.81 1.29 8.74
N ILE A 18 -6.84 0.09 9.35
CA ILE A 18 -6.07 -0.13 10.58
C ILE A 18 -4.59 0.11 10.34
N ALA A 19 -4.05 -0.36 9.21
CA ALA A 19 -2.64 -0.13 8.93
C ALA A 19 -2.32 1.35 9.01
N GLU A 20 -3.14 2.18 8.35
CA GLU A 20 -2.90 3.61 8.36
C GLU A 20 -3.02 4.18 9.78
N ILE A 21 -3.98 3.68 10.56
CA ILE A 21 -4.15 4.16 11.93
C ILE A 21 -2.95 3.79 12.79
N MSE A 22 -2.36 2.62 12.55
CA MSE A 22 -1.14 2.19 13.26
C MSE A 22 0.03 3.15 12.94
O MSE A 22 0.82 3.43 13.82
CB MSE A 22 -0.85 0.73 12.94
CG MSE A 22 -1.84 -0.20 13.59
SE MSE A 22 -2.02 0.02 15.53
CE MSE A 22 -3.88 0.18 15.87
N LYS A 23 0.15 3.60 11.69
CA LYS A 23 1.13 4.64 11.34
C LYS A 23 0.85 5.96 12.09
N LEU A 24 -0.41 6.41 12.14
CA LEU A 24 -0.70 7.59 12.96
C LEU A 24 -0.31 7.35 14.42
N ARG A 25 -0.53 6.12 14.91
CA ARG A 25 -0.22 5.84 16.31
C ARG A 25 1.28 5.94 16.57
N SER A 26 2.11 5.49 15.61
CA SER A 26 3.56 5.65 15.75
C SER A 26 3.94 7.12 15.86
N LYS A 27 3.29 7.98 15.07
CA LYS A 27 3.59 9.40 15.13
C LYS A 27 3.10 10.00 16.45
N TYR A 28 1.96 9.54 16.95
CA TYR A 28 1.49 9.94 18.29
C TYR A 28 2.53 9.60 19.36
N ILE A 29 3.05 8.35 19.33
CA ILE A 29 4.10 7.95 20.26
C ILE A 29 5.25 8.95 20.23
N THR A 30 5.68 9.32 19.03
CA THR A 30 6.87 10.15 18.90
C THR A 30 6.62 11.59 19.30
N ASN A 31 5.49 12.18 18.88
CA ASN A 31 5.27 13.59 19.06
C ASN A 31 4.36 13.93 20.24
N ARG A 32 3.68 12.93 20.82
CA ARG A 32 2.71 13.07 21.91
C ARG A 32 1.47 13.87 21.52
N SER A 33 1.30 14.18 20.23
CA SER A 33 0.04 14.67 19.66
C SER A 33 0.06 14.44 18.15
N ILE A 34 -1.12 14.42 17.56
CA ILE A 34 -1.27 14.38 16.10
C ILE A 34 -2.45 15.26 15.72
N PHE A 35 -2.33 15.94 14.58
CA PHE A 35 -3.45 16.56 13.89
C PHE A 35 -3.71 15.81 12.60
N VAL A 36 -4.96 15.42 12.37
CA VAL A 36 -5.29 14.69 11.15
C VAL A 36 -6.34 15.50 10.41
N GLU A 37 -6.03 15.86 9.16
CA GLU A 37 -6.98 16.57 8.32
C GLU A 37 -8.24 15.74 8.10
N GLY A 38 -9.40 16.40 8.13
CA GLY A 38 -10.66 15.69 7.93
C GLY A 38 -10.71 14.91 6.63
N SER A 39 -10.04 15.40 5.58
CA SER A 39 -10.05 14.66 4.32
C SER A 39 -9.29 13.34 4.43
N ASP A 40 -8.30 13.27 5.33
CA ASP A 40 -7.60 12.03 5.66
C ASP A 40 -8.36 11.15 6.65
N MSE A 41 -9.21 11.74 7.49
CA MSE A 41 -10.05 10.91 8.38
C MSE A 41 -11.15 10.16 7.65
O MSE A 41 -11.50 9.05 8.06
CB MSE A 41 -10.69 11.77 9.49
CG MSE A 41 -9.64 12.45 10.34
SE MSE A 41 -8.97 11.12 11.64
CE MSE A 41 -10.59 10.53 12.54
N VAL A 42 -11.71 10.76 6.60
CA VAL A 42 -12.87 10.14 5.95
C VAL A 42 -12.58 8.71 5.49
N PRO A 43 -11.51 8.43 4.73
CA PRO A 43 -11.27 7.03 4.34
C PRO A 43 -11.00 6.11 5.50
N LEU A 44 -10.33 6.59 6.55
CA LEU A 44 -10.15 5.78 7.76
C LEU A 44 -11.49 5.38 8.38
N LEU A 45 -12.39 6.35 8.54
CA LEU A 45 -13.69 6.10 9.17
C LEU A 45 -14.55 5.17 8.32
N LEU A 46 -14.53 5.38 7.00
CA LEU A 46 -15.25 4.46 6.11
C LEU A 46 -14.72 3.04 6.26
N GLY A 47 -13.39 2.89 6.20
CA GLY A 47 -12.78 1.59 6.41
C GLY A 47 -13.22 0.93 7.71
N LEU A 48 -13.49 1.73 8.73
CA LEU A 48 -13.91 1.18 10.02
C LEU A 48 -15.38 0.83 10.05
N GLY A 49 -16.16 1.26 9.07
CA GLY A 49 -17.59 0.96 9.05
C GLY A 49 -18.50 2.16 8.96
N ALA A 50 -17.99 3.40 8.89
CA ALA A 50 -18.87 4.55 8.75
C ALA A 50 -19.56 4.52 7.41
N THR A 51 -20.86 4.82 7.40
CA THR A 51 -21.60 4.98 6.16
C THR A 51 -21.55 6.44 5.72
N ARG A 52 -21.68 6.64 4.41
CA ARG A 52 -21.68 7.99 3.85
C ARG A 52 -22.87 8.80 4.34
N ALA A 53 -24.02 8.16 4.55
CA ALA A 53 -25.17 8.87 5.08
C ALA A 53 -24.93 9.32 6.52
N ASP A 54 -24.23 8.51 7.30
CA ASP A 54 -23.94 8.88 8.69
C ASP A 54 -22.87 9.96 8.79
N LEU A 55 -21.88 9.95 7.89
CA LEU A 55 -20.98 11.09 7.80
C LEU A 55 -21.75 12.37 7.51
N ASP A 56 -22.75 12.30 6.61
CA ASP A 56 -23.60 13.45 6.34
C ASP A 56 -24.36 13.86 7.60
N ALA A 57 -24.99 12.90 8.27
CA ALA A 57 -25.81 13.20 9.44
C ALA A 57 -24.98 13.77 10.57
N LEU A 58 -23.70 13.43 10.61
CA LEU A 58 -22.78 13.97 11.61
C LEU A 58 -22.72 15.48 11.55
N GLN A 59 -22.96 16.07 10.37
CA GLN A 59 -22.88 17.51 10.23
C GLN A 59 -24.16 18.22 10.67
N ARG A 60 -25.16 17.47 11.11
CA ARG A 60 -26.43 18.03 11.53
C ARG A 60 -26.79 17.71 12.98
N VAL A 61 -26.10 16.78 13.62
CA VAL A 61 -26.48 16.33 14.96
C VAL A 61 -26.35 17.46 15.99
N SER A 62 -25.45 18.43 15.74
CA SER A 62 -25.24 19.51 16.70
C SER A 62 -26.42 20.47 16.76
N ASN A 63 -27.37 20.35 15.84
CA ASN A 63 -28.57 21.19 15.86
C ASN A 63 -29.53 20.79 16.97
N ASN A 64 -29.35 19.62 17.57
CA ASN A 64 -30.29 19.11 18.56
C ASN A 64 -29.69 19.02 19.96
N LEU A 65 -28.66 19.82 20.23
CA LEU A 65 -28.04 19.84 21.55
C LEU A 65 -28.92 20.59 22.54
N TYR A 66 -28.69 20.32 23.83
CA TYR A 66 -29.51 20.93 24.86
C TYR A 66 -29.15 22.40 25.04
N SER A 67 -30.19 23.23 25.25
CA SER A 67 -30.05 24.66 25.47
C SER A 67 -30.41 24.97 26.91
N ASP A 68 -29.44 25.45 27.67
CA ASP A 68 -29.62 25.88 29.04
C ASP A 68 -29.62 27.40 29.06
N PRO A 69 -30.68 28.05 29.55
CA PRO A 69 -30.66 29.53 29.61
C PRO A 69 -29.61 30.08 30.57
N THR A 70 -29.13 29.29 31.53
CA THR A 70 -28.01 29.71 32.36
C THR A 70 -26.66 29.62 31.64
N LEU A 71 -26.61 28.98 30.46
CA LEU A 71 -25.41 28.93 29.63
C LEU A 71 -25.80 29.34 28.21
N PRO A 72 -25.95 30.65 27.95
CA PRO A 72 -26.36 31.08 26.60
C PRO A 72 -25.27 30.94 25.55
N PHE A 73 -24.00 30.85 25.96
CA PHE A 73 -22.89 30.77 25.02
C PHE A 73 -22.52 29.33 24.65
N ARG A 74 -23.30 28.34 25.10
CA ARG A 74 -22.97 26.98 24.70
C ARG A 74 -24.22 26.09 24.73
N ARG A 75 -24.28 25.18 23.77
CA ARG A 75 -25.27 24.12 23.74
C ARG A 75 -24.53 22.80 23.69
N SER A 76 -25.01 21.82 24.43
CA SER A 76 -24.20 20.61 24.53
C SER A 76 -25.06 19.43 24.94
N ARG A 77 -24.55 18.24 24.59
CA ARG A 77 -24.95 16.97 25.17
C ARG A 77 -23.67 16.24 25.57
N ASN A 78 -23.80 15.25 26.45
CA ASN A 78 -22.61 14.51 26.85
C ASN A 78 -23.01 13.10 27.28
N GLY A 79 -22.03 12.19 27.20
CA GLY A 79 -22.22 10.82 27.64
C GLY A 79 -20.89 10.22 28.07
N ARG A 80 -20.97 9.17 28.88
CA ARG A 80 -19.77 8.43 29.30
C ARG A 80 -19.71 7.13 28.54
N PHE A 81 -18.54 6.83 28.01
CA PHE A 81 -18.30 5.57 27.33
C PHE A 81 -17.15 4.86 28.03
N CYS A 82 -17.04 3.57 27.77
CA CYS A 82 -15.99 2.74 28.36
C CYS A 82 -15.26 2.02 27.25
N PHE A 83 -13.98 2.31 27.09
CA PHE A 83 -13.11 1.45 26.29
C PHE A 83 -12.75 0.24 27.13
N ASP A 84 -13.34 -0.92 26.82
CA ASP A 84 -13.18 -2.14 27.60
C ASP A 84 -12.23 -3.06 26.83
N PHE A 85 -11.02 -3.22 27.33
CA PHE A 85 -10.05 -4.04 26.61
C PHE A 85 -10.04 -5.49 27.06
N SER A 86 -10.90 -5.86 28.02
CA SER A 86 -11.14 -7.27 28.27
C SER A 86 -12.14 -7.82 27.25
N THR A 87 -13.26 -7.12 27.06
CA THR A 87 -14.22 -7.49 26.03
C THR A 87 -13.85 -6.95 24.65
N ARG A 88 -12.82 -6.11 24.55
CA ARG A 88 -12.38 -5.55 23.26
C ARG A 88 -13.52 -4.81 22.56
N SER A 89 -14.17 -3.91 23.29
CA SER A 89 -15.31 -3.17 22.76
C SER A 89 -15.43 -1.85 23.53
N VAL A 90 -16.32 -0.98 23.06
CA VAL A 90 -16.64 0.26 23.76
C VAL A 90 -18.14 0.36 23.89
N ARG A 91 -18.60 0.78 25.07
CA ARG A 91 -20.02 0.74 25.42
C ARG A 91 -20.42 2.03 26.12
N ARG A 92 -21.69 2.39 25.96
CA ARG A 92 -22.26 3.52 26.67
C ARG A 92 -22.51 3.18 28.13
N LEU A 93 -22.04 4.03 29.03
CA LEU A 93 -22.21 3.81 30.45
C LEU A 93 -23.38 4.65 30.96
N GLU A 94 -23.94 4.20 32.08
CA GLU A 94 -25.02 4.91 32.75
C GLU A 94 -24.58 6.31 33.13
N PHE A 95 -25.57 7.21 33.30
CA PHE A 95 -25.27 8.54 33.80
C PHE A 95 -24.69 8.47 35.20
N GLN A 96 -23.60 9.22 35.43
CA GLN A 96 -23.00 9.36 36.74
C GLN A 96 -22.70 10.84 36.94
N PRO A 97 -23.27 11.48 37.98
CA PRO A 97 -23.06 12.92 38.19
C PRO A 97 -21.63 13.27 38.63
N VAL A 116 -31.91 14.43 34.28
CA VAL A 116 -30.89 14.93 33.37
C VAL A 116 -31.41 14.90 31.93
N PHE A 117 -31.28 16.03 31.25
CA PHE A 117 -31.92 16.23 29.95
C PHE A 117 -30.94 16.49 28.82
N ASP A 118 -29.64 16.52 29.11
CA ASP A 118 -28.62 16.78 28.10
C ASP A 118 -27.74 15.56 27.85
N GLU A 119 -28.30 14.36 27.98
CA GLU A 119 -27.59 13.15 27.61
C GLU A 119 -27.46 13.03 26.09
N VAL A 120 -26.33 12.46 25.67
CA VAL A 120 -26.15 12.08 24.27
C VAL A 120 -27.19 11.03 23.90
N GLN A 121 -27.82 11.21 22.74
CA GLN A 121 -28.93 10.39 22.31
C GLN A 121 -28.49 9.39 21.24
N ASP A 122 -29.42 8.50 20.86
CA ASP A 122 -29.11 7.52 19.83
C ASP A 122 -28.71 8.19 18.53
N GLU A 123 -29.24 9.39 18.26
CA GLU A 123 -28.92 10.11 17.03
C GLU A 123 -27.41 10.22 16.82
N LEU A 124 -26.67 10.53 17.89
CA LEU A 124 -25.22 10.58 17.78
C LEU A 124 -24.58 9.21 17.99
N GLN A 125 -24.93 8.52 19.09
CA GLN A 125 -24.14 7.36 19.47
C GLN A 125 -24.42 6.13 18.62
N LEU A 126 -25.55 6.09 17.91
CA LEU A 126 -25.77 5.02 16.94
C LEU A 126 -25.30 5.41 15.54
N ASN A 127 -24.81 6.63 15.37
CA ASN A 127 -24.22 7.05 14.10
C ASN A 127 -22.91 6.29 13.88
N THR A 128 -22.79 5.64 12.72
CA THR A 128 -21.63 4.75 12.50
C THR A 128 -20.32 5.53 12.33
N ALA A 129 -20.40 6.77 11.84
CA ALA A 129 -19.20 7.60 11.79
C ALA A 129 -18.77 8.03 13.18
N PHE A 130 -19.71 8.40 14.05
CA PHE A 130 -19.34 8.65 15.45
C PHE A 130 -18.72 7.41 16.08
N GLN A 131 -19.34 6.24 15.87
CA GLN A 131 -18.76 5.00 16.38
C GLN A 131 -17.36 4.77 15.82
N ALA A 132 -17.19 5.05 14.52
CA ALA A 132 -15.86 4.96 13.93
C ALA A 132 -14.86 5.86 14.64
N LEU A 133 -15.30 7.03 15.09
CA LEU A 133 -14.39 7.94 15.79
C LEU A 133 -13.94 7.35 17.11
N LEU A 134 -14.84 6.69 17.83
CA LEU A 134 -14.48 6.05 19.08
C LEU A 134 -13.48 4.92 18.86
N VAL A 135 -13.76 4.08 17.87
CA VAL A 135 -12.85 2.98 17.55
C VAL A 135 -11.50 3.53 17.18
N PHE A 136 -11.48 4.57 16.34
CA PHE A 136 -10.24 5.24 15.96
C PHE A 136 -9.41 5.64 17.17
N LYS A 137 -10.03 6.32 18.14
CA LYS A 137 -9.28 6.76 19.31
C LYS A 137 -8.78 5.58 20.14
N GLY A 138 -9.67 4.61 20.40
CA GLY A 138 -9.26 3.45 21.18
C GLY A 138 -8.08 2.74 20.55
N MSE A 139 -8.11 2.61 19.23
CA MSE A 139 -7.06 1.88 18.57
C MSE A 139 -5.73 2.62 18.72
O MSE A 139 -4.69 2.00 18.93
CB MSE A 139 -7.38 1.70 17.08
CG MSE A 139 -8.49 0.70 16.80
SE MSE A 139 -8.48 0.26 14.94
CE MSE A 139 -8.72 -1.72 15.00
N ILE A 140 -5.76 3.95 18.62
CA ILE A 140 -4.52 4.72 18.71
C ILE A 140 -3.97 4.69 20.14
N CYS A 141 -4.83 4.91 21.12
CA CYS A 141 -4.34 5.09 22.48
C CYS A 141 -3.95 3.77 23.13
N HIS A 142 -4.51 2.66 22.64
CA HIS A 142 -4.19 1.33 23.15
C HIS A 142 -2.69 1.07 23.15
N GLY A 143 -2.16 0.70 24.31
CA GLY A 143 -0.76 0.31 24.43
C GLY A 143 0.23 1.44 24.56
N VAL A 144 -0.22 2.69 24.46
CA VAL A 144 0.69 3.83 24.45
C VAL A 144 1.10 4.19 25.87
N GLN A 145 2.40 4.11 26.16
CA GLN A 145 2.93 4.40 27.49
C GLN A 145 2.97 5.91 27.72
N THR A 146 2.37 6.37 28.82
CA THR A 146 2.30 7.80 29.13
C THR A 146 2.60 8.03 30.60
N THR A 147 2.68 9.32 30.98
CA THR A 147 2.79 9.71 32.37
C THR A 147 1.57 9.27 33.17
N HIS A 148 1.79 8.73 34.36
CA HIS A 148 0.69 8.20 35.18
C HIS A 148 0.27 9.24 36.22
N ARG A 149 -0.97 9.69 36.13
CA ARG A 149 -1.52 10.56 37.18
C ARG A 149 -1.70 9.76 38.45
N PRO A 150 -1.20 10.23 39.60
CA PRO A 150 -1.31 9.45 40.84
C PRO A 150 -2.73 9.09 41.25
N ARG A 151 -3.74 9.86 40.86
CA ARG A 151 -5.10 9.59 41.29
C ARG A 151 -5.80 8.51 40.47
N LEU A 152 -5.15 7.96 39.43
CA LEU A 152 -5.84 7.07 38.50
C LEU A 152 -5.20 5.68 38.54
N ASP A 153 -5.99 4.67 38.14
CA ASP A 153 -5.59 3.27 38.26
C ASP A 153 -5.18 2.71 36.90
N TYR A 154 -3.87 2.63 36.67
CA TYR A 154 -3.36 2.19 35.38
C TYR A 154 -3.18 0.69 35.28
N SER A 155 -3.56 -0.07 36.30
CA SER A 155 -3.60 -1.52 36.14
C SER A 155 -4.94 -1.99 35.60
N SER A 156 -5.90 -1.09 35.43
CA SER A 156 -7.20 -1.47 34.89
C SER A 156 -7.10 -1.81 33.41
N ASP A 157 -8.07 -2.61 32.95
CA ASP A 157 -8.24 -2.94 31.54
C ASP A 157 -9.32 -2.10 30.87
N LYS A 158 -9.87 -1.10 31.57
CA LYS A 158 -10.93 -0.25 31.06
C LYS A 158 -10.53 1.22 31.12
N TRP A 159 -11.06 2.01 30.19
CA TRP A 159 -10.93 3.47 30.23
C TRP A 159 -12.31 4.09 30.27
N VAL A 160 -12.41 5.23 30.93
CA VAL A 160 -13.61 6.05 30.85
C VAL A 160 -13.35 7.14 29.83
N CYS A 161 -14.25 7.26 28.87
CA CYS A 161 -14.21 8.32 27.88
C CYS A 161 -15.46 9.17 28.08
N THR A 162 -15.27 10.42 28.48
CA THR A 162 -16.36 11.37 28.56
C THR A 162 -16.39 12.18 27.27
N LEU A 163 -17.51 12.14 26.57
CA LEU A 163 -17.67 12.72 25.24
C LEU A 163 -18.66 13.88 25.34
N PHE A 164 -18.25 15.06 24.91
CA PHE A 164 -19.11 16.23 24.78
C PHE A 164 -19.28 16.58 23.32
N ASN A 165 -20.54 16.71 22.88
CA ASN A 165 -20.90 17.30 21.61
C ASN A 165 -21.30 18.75 21.91
N LEU A 166 -20.48 19.70 21.49
CA LEU A 166 -20.55 21.07 22.01
C LEU A 166 -20.63 22.07 20.86
N ARG A 167 -21.64 22.94 20.90
CA ARG A 167 -21.73 24.10 20.03
C ARG A 167 -21.48 25.34 20.89
N THR A 168 -20.39 26.04 20.64
CA THR A 168 -20.16 27.31 21.31
C THR A 168 -20.77 28.43 20.48
N VAL A 169 -21.15 29.51 21.16
CA VAL A 169 -21.97 30.57 20.57
C VAL A 169 -21.35 31.91 20.97
N THR A 170 -20.92 32.68 19.98
CA THR A 170 -20.32 33.99 20.20
C THR A 170 -21.30 35.05 19.71
N THR A 171 -21.83 35.87 20.65
CA THR A 171 -22.83 36.90 20.39
C THR A 171 -22.17 38.26 20.24
N PRO A 172 -22.54 39.07 19.23
CA PRO A 172 -21.94 40.37 18.88
C PRO A 172 -21.56 41.29 20.05
N LEU A 180 -12.14 31.48 27.56
CA LEU A 180 -11.34 32.38 28.38
C LEU A 180 -10.46 31.59 29.37
N GLU A 181 -10.67 30.26 29.39
CA GLU A 181 -9.75 29.34 30.07
C GLU A 181 -8.32 29.59 29.61
N GLY A 182 -7.39 29.56 30.56
CA GLY A 182 -5.97 29.72 30.25
C GLY A 182 -5.28 28.39 30.02
N VAL A 183 -3.95 28.45 29.96
CA VAL A 183 -3.14 27.24 29.78
C VAL A 183 -3.52 26.19 30.83
N HIS A 184 -3.66 24.94 30.40
CA HIS A 184 -4.13 23.90 31.31
C HIS A 184 -3.89 22.52 30.68
N THR A 185 -4.03 21.49 31.53
CA THR A 185 -4.41 20.16 31.10
C THR A 185 -5.85 19.89 31.55
N ASP A 186 -6.51 18.95 30.85
CA ASP A 186 -7.88 18.55 31.13
C ASP A 186 -8.00 17.53 32.25
N GLY A 187 -6.89 17.14 32.87
CA GLY A 187 -6.91 16.16 33.93
C GLY A 187 -7.18 14.74 33.53
N VAL A 188 -6.92 14.37 32.26
CA VAL A 188 -7.14 13.01 31.80
C VAL A 188 -5.83 12.46 31.22
N ASP A 189 -5.90 11.35 30.48
CA ASP A 189 -4.74 10.81 29.79
C ASP A 189 -4.67 11.20 28.31
N HIS A 190 -5.79 11.13 27.59
CA HIS A 190 -5.83 11.45 26.16
C HIS A 190 -7.05 12.29 25.86
N THR A 191 -6.85 13.42 25.15
CA THR A 191 -7.94 14.27 24.70
C THR A 191 -8.00 14.30 23.18
N MSE A 192 -9.20 14.17 22.64
CA MSE A 192 -9.40 14.28 21.19
C MSE A 192 -10.52 15.26 20.92
O MSE A 192 -11.56 15.23 21.58
CB MSE A 192 -9.72 12.91 20.56
CG MSE A 192 -9.70 12.93 19.03
SE MSE A 192 -9.75 11.12 18.28
CE MSE A 192 -11.70 10.87 18.14
N THR A 193 -10.26 16.18 19.97
CA THR A 193 -11.22 17.20 19.54
C THR A 193 -11.41 17.07 18.03
N THR A 194 -12.64 16.83 17.61
CA THR A 194 -12.98 16.60 16.22
C THR A 194 -13.99 17.65 15.80
N TYR A 195 -13.68 18.35 14.72
CA TYR A 195 -14.50 19.44 14.23
C TYR A 195 -15.64 18.91 13.36
N LEU A 196 -16.86 19.35 13.65
CA LEU A 196 -18.03 18.96 12.89
C LEU A 196 -18.53 20.05 11.93
N GLY A 197 -18.33 21.32 12.26
CA GLY A 197 -18.82 22.42 11.45
C GLY A 197 -18.76 23.72 12.22
N SER A 198 -19.08 24.80 11.51
CA SER A 198 -19.17 26.13 12.12
C SER A 198 -20.04 27.03 11.25
N LYS A 199 -20.35 28.21 11.78
CA LYS A 199 -21.19 29.18 11.10
C LYS A 199 -20.62 30.56 11.40
N ASN A 200 -20.34 31.33 10.33
CA ASN A 200 -19.86 32.71 10.46
C ASN A 200 -18.55 32.79 11.22
N MSE A 201 -17.70 31.77 11.09
CA MSE A 201 -16.45 31.78 11.80
C MSE A 201 -15.32 32.30 10.93
O MSE A 201 -15.09 31.80 9.84
CB MSE A 201 -16.09 30.39 12.30
CG MSE A 201 -14.86 30.33 13.20
SE MSE A 201 -14.49 28.50 13.83
CE MSE A 201 -13.58 27.79 12.32
N ASP A 202 -14.62 33.30 11.45
CA ASP A 202 -13.41 33.80 10.82
C ASP A 202 -12.29 32.78 10.95
N LEU A 203 -11.53 32.57 9.86
CA LEU A 203 -10.37 31.70 9.89
C LEU A 203 -9.07 32.48 10.03
N ALA A 204 -9.13 33.67 10.65
CA ALA A 204 -8.04 34.63 10.66
C ALA A 204 -6.84 34.23 11.52
N ALA A 205 -6.49 32.95 11.56
CA ALA A 205 -5.22 32.48 12.16
C ALA A 205 -5.08 32.81 13.64
N ASN A 206 -6.05 33.54 14.20
CA ASN A 206 -6.16 33.75 15.64
C ASN A 206 -7.54 33.34 16.14
N SER A 207 -8.32 32.66 15.32
CA SER A 207 -9.70 32.32 15.63
C SER A 207 -9.81 30.83 15.93
N ALA A 208 -10.26 30.50 17.14
CA ALA A 208 -10.43 29.11 17.58
C ALA A 208 -9.18 28.28 17.29
N VAL A 209 -8.04 28.81 17.69
CA VAL A 209 -6.75 28.17 17.48
C VAL A 209 -6.37 27.43 18.76
N THR A 210 -5.87 26.19 18.62
CA THR A 210 -5.42 25.42 19.79
C THR A 210 -3.89 25.53 19.89
N PHE A 211 -3.41 26.17 20.95
CA PHE A 211 -1.98 26.28 21.21
C PHE A 211 -1.50 25.11 22.05
N MSE A 212 -0.34 24.56 21.69
CA MSE A 212 0.23 23.43 22.41
C MSE A 212 1.54 23.79 23.06
O MSE A 212 2.46 24.22 22.36
CB MSE A 212 0.44 22.29 21.44
CG MSE A 212 -0.75 22.08 20.55
SE MSE A 212 -1.81 20.78 21.43
CE MSE A 212 -1.00 19.29 20.58
N HIS A 213 1.66 23.57 24.37
CA HIS A 213 2.82 24.01 25.15
C HIS A 213 3.54 22.82 25.78
N ASP A 214 4.85 22.96 26.01
CA ASP A 214 5.50 21.98 26.87
C ASP A 214 5.07 22.22 28.33
N MSE A 215 5.50 21.35 29.23
CA MSE A 215 5.06 21.42 30.63
C MSE A 215 5.59 22.62 31.38
O MSE A 215 5.11 22.90 32.47
CB MSE A 215 5.43 20.15 31.42
CG MSE A 215 4.81 18.84 30.89
SE MSE A 215 2.92 18.92 30.44
CE MSE A 215 1.95 18.51 32.09
N ASN A 216 6.57 23.32 30.81
CA ASN A 216 7.18 24.45 31.51
C ASN A 216 6.39 25.74 31.36
N GLU A 217 5.35 25.76 30.52
CA GLU A 217 4.46 26.91 30.46
C GLU A 217 3.63 27.01 31.74
N GLU A 218 3.34 28.25 32.12
CA GLU A 218 2.62 28.53 33.37
C GLU A 218 1.13 28.17 33.23
N THR A 219 0.66 27.28 34.11
CA THR A 219 -0.73 26.82 34.10
C THR A 219 -1.75 27.97 34.23
N GLY A 220 -1.34 29.19 34.48
CA GLY A 220 -2.37 30.22 34.50
C GLY A 220 -2.58 30.99 33.22
N ALA A 221 -1.56 31.02 32.37
CA ALA A 221 -1.35 32.11 31.41
C ALA A 221 -2.48 32.23 30.39
N LYS A 222 -2.76 33.48 30.01
CA LYS A 222 -3.52 33.81 28.81
C LYS A 222 -2.53 34.06 27.67
N TYR A 223 -2.95 34.75 26.60
CA TYR A 223 -2.06 34.94 25.46
C TYR A 223 -1.09 36.08 25.65
N THR A 224 -1.45 37.06 26.48
CA THR A 224 -0.49 38.11 26.83
C THR A 224 0.71 37.56 27.58
N GLU A 225 0.60 36.36 28.15
CA GLU A 225 1.64 35.82 29.02
C GLU A 225 2.34 34.59 28.47
N ILE A 226 1.83 33.95 27.42
CA ILE A 226 2.47 32.72 26.96
C ILE A 226 3.82 33.04 26.35
N LYS A 227 4.82 32.21 26.67
CA LYS A 227 6.20 32.41 26.22
C LYS A 227 6.46 31.62 24.94
N PRO A 228 7.06 32.24 23.92
CA PRO A 228 7.35 31.49 22.69
C PRO A 228 8.28 30.31 22.89
N GLN A 229 9.18 30.38 23.87
CA GLN A 229 10.10 29.29 24.10
C GLN A 229 9.41 28.02 24.55
N ASN A 230 8.16 28.12 25.00
CA ASN A 230 7.41 26.97 25.50
C ASN A 230 6.28 26.53 24.57
N LEU A 231 6.16 27.14 23.40
CA LEU A 231 5.10 26.78 22.45
C LEU A 231 5.62 25.72 21.50
N ARG A 232 4.97 24.56 21.48
CA ARG A 232 5.37 23.50 20.56
C ARG A 232 4.79 23.73 19.18
N SER A 233 3.47 23.77 19.08
CA SER A 233 2.82 23.95 17.79
C SER A 233 1.47 24.60 17.99
N ARG A 234 0.82 24.87 16.87
CA ARG A 234 -0.37 25.68 16.77
C ARG A 234 -1.24 25.03 15.72
N VAL A 235 -2.49 24.73 16.07
CA VAL A 235 -3.39 24.04 15.17
C VAL A 235 -4.71 24.78 15.12
N GLN A 236 -5.43 24.65 14.02
CA GLN A 236 -6.74 25.26 13.85
C GLN A 236 -7.64 24.31 13.07
N HIS A 237 -8.72 23.83 13.70
CA HIS A 237 -9.72 23.09 12.95
C HIS A 237 -10.45 24.03 11.99
N ARG A 238 -10.70 23.56 10.78
CA ARG A 238 -11.45 24.34 9.79
C ARG A 238 -12.38 23.52 8.92
N HIS A 239 -12.13 22.22 8.73
CA HIS A 239 -12.91 21.41 7.81
C HIS A 239 -13.43 20.20 8.53
N PHE A 240 -14.59 19.72 8.06
CA PHE A 240 -15.30 18.59 8.64
C PHE A 240 -14.33 17.44 8.94
N LEU A 241 -14.29 17.06 10.20
CA LEU A 241 -13.55 15.91 10.74
C LEU A 241 -12.06 16.20 10.96
N ASP A 242 -11.57 17.42 10.75
CA ASP A 242 -10.28 17.81 11.33
C ASP A 242 -10.23 17.32 12.79
N THR A 243 -9.16 16.60 13.13
CA THR A 243 -9.07 15.93 14.43
C THR A 243 -7.70 16.16 15.05
N LEU A 244 -7.70 16.60 16.30
CA LEU A 244 -6.51 16.76 17.13
C LEU A 244 -6.60 15.79 18.30
N LEU A 245 -5.53 15.01 18.48
CA LEU A 245 -5.39 14.05 19.57
C LEU A 245 -4.11 14.39 20.33
N LEU A 246 -4.18 14.46 21.67
CA LEU A 246 -3.03 14.89 22.45
C LEU A 246 -2.95 14.11 23.76
N VAL A 247 -1.71 13.84 24.19
CA VAL A 247 -1.47 13.21 25.47
C VAL A 247 -1.61 14.29 26.55
N ASP A 248 -2.66 14.20 27.35
CA ASP A 248 -3.05 15.31 28.22
C ASP A 248 -2.12 15.47 29.42
N THR A 249 -1.42 14.40 29.81
CA THR A 249 -0.44 14.46 30.88
C THR A 249 0.92 15.00 30.42
N GLU A 250 1.14 15.16 29.12
CA GLU A 250 2.47 15.52 28.63
C GLU A 250 2.49 16.76 27.75
N ASN A 251 1.34 17.40 27.53
CA ASN A 251 1.24 18.72 26.92
C ASN A 251 0.39 19.58 27.83
N LYS A 252 0.53 20.89 27.69
CA LYS A 252 -0.51 21.80 28.15
C LYS A 252 -1.08 22.45 26.90
N HIS A 253 -2.30 22.97 27.01
CA HIS A 253 -2.95 23.55 25.84
C HIS A 253 -3.83 24.74 26.24
N SER A 254 -4.17 25.54 25.22
CA SER A 254 -5.14 26.62 25.38
C SER A 254 -5.83 26.80 24.03
N LEU A 255 -7.07 27.32 24.07
CA LEU A 255 -7.90 27.51 22.89
C LEU A 255 -8.40 28.95 22.85
N SER A 256 -8.06 29.66 21.78
CA SER A 256 -8.42 31.06 21.60
C SER A 256 -9.89 31.19 21.20
N PRO A 257 -10.51 32.34 21.48
CA PRO A 257 -11.92 32.52 21.16
C PRO A 257 -12.21 32.37 19.68
N VAL A 258 -13.43 31.89 19.40
CA VAL A 258 -14.01 32.00 18.07
C VAL A 258 -14.18 33.47 17.72
N LEU A 259 -13.70 33.86 16.52
CA LEU A 259 -13.94 35.21 16.00
C LEU A 259 -15.01 35.18 14.93
N PRO A 260 -16.00 36.07 14.97
CA PRO A 260 -17.03 36.08 13.92
C PRO A 260 -16.52 36.77 12.67
N LEU A 261 -16.79 36.16 11.53
CA LEU A 261 -16.47 36.77 10.25
C LEU A 261 -17.27 38.05 10.08
N ASP A 262 -18.58 37.93 9.91
CA ASP A 262 -19.49 39.08 9.92
C ASP A 262 -19.73 39.47 11.37
N GLU A 263 -19.06 40.53 11.82
CA GLU A 263 -19.09 40.89 13.23
C GLU A 263 -20.50 41.22 13.74
N THR A 264 -21.48 41.39 12.86
CA THR A 264 -22.83 41.74 13.31
C THR A 264 -23.68 40.52 13.65
N LYS A 265 -23.30 39.33 13.20
CA LYS A 265 -24.07 38.11 13.44
C LYS A 265 -23.31 37.17 14.38
N GLU A 266 -24.04 36.20 14.92
CA GLU A 266 -23.44 35.22 15.81
C GLU A 266 -22.55 34.26 15.02
N ALA A 267 -21.55 33.72 15.72
CA ALA A 267 -20.71 32.66 15.19
C ALA A 267 -20.84 31.44 16.08
N THR A 268 -20.93 30.26 15.45
CA THR A 268 -21.01 29.00 16.18
C THR A 268 -19.90 28.06 15.71
N ARG A 269 -19.50 27.17 16.61
CA ARG A 269 -18.48 26.17 16.29
C ARG A 269 -18.92 24.86 16.94
N ASP A 270 -19.05 23.80 16.13
CA ASP A 270 -19.54 22.50 16.61
C ASP A 270 -18.38 21.51 16.69
N MSE A 271 -18.17 20.94 17.88
CA MSE A 271 -17.08 19.97 18.17
C MSE A 271 -17.57 18.71 18.86
O MSE A 271 -18.57 18.72 19.58
CB MSE A 271 -16.00 20.60 19.07
CG MSE A 271 -15.52 21.95 18.67
SE MSE A 271 -14.46 21.76 17.02
CE MSE A 271 -12.98 20.65 17.72
N LEU A 272 -16.84 17.61 18.64
CA LEU A 272 -16.86 16.45 19.52
C LEU A 272 -15.57 16.50 20.34
N ILE A 273 -15.71 16.47 21.66
CA ILE A 273 -14.56 16.51 22.57
C ILE A 273 -14.59 15.23 23.39
N PHE A 274 -13.54 14.40 23.23
CA PHE A 274 -13.40 13.11 23.88
C PHE A 274 -12.34 13.25 24.98
N PHE A 275 -12.74 13.03 26.25
CA PHE A 275 -11.82 13.07 27.39
C PHE A 275 -11.68 11.65 27.93
N THR A 276 -10.51 11.03 27.72
CA THR A 276 -10.31 9.62 28.04
C THR A 276 -9.25 9.45 29.12
N ARG A 277 -9.59 8.68 30.15
CA ARG A 277 -8.66 8.45 31.24
C ARG A 277 -8.90 7.07 31.84
N ARG A 278 -7.88 6.60 32.55
CA ARG A 278 -8.01 5.41 33.39
C ARG A 278 -8.97 5.72 34.55
N PRO A 279 -9.59 4.68 35.12
CA PRO A 279 -10.54 4.89 36.23
C PRO A 279 -9.89 5.51 37.46
N VAL A 280 -10.73 6.19 38.25
CA VAL A 280 -10.27 6.73 39.52
C VAL A 280 -9.75 5.60 40.41
N LYS A 281 -8.59 5.83 41.03
CA LYS A 281 -7.97 4.84 41.89
C LYS A 281 -8.74 4.75 43.21
N LYS A 282 -9.12 3.54 43.59
CA LYS A 282 -9.80 3.34 44.86
C LYS A 282 -8.80 3.40 46.02
N GLY A 283 -9.33 3.54 47.23
CA GLY A 283 -8.50 3.54 48.42
C GLY A 283 -7.99 2.15 48.79
N ASN A 291 -13.81 9.68 44.33
CA ASN A 291 -15.09 9.00 44.07
C ASN A 291 -15.04 8.15 42.82
N ILE A 292 -15.36 6.86 42.96
CA ILE A 292 -15.04 5.88 41.94
C ILE A 292 -15.98 6.01 40.75
N ASP A 293 -15.53 5.50 39.61
CA ASP A 293 -16.31 5.54 38.38
C ASP A 293 -17.25 4.34 38.32
N SER A 294 -18.51 4.60 37.98
CA SER A 294 -19.45 3.53 37.69
C SER A 294 -19.22 3.00 36.28
N PHE A 295 -19.16 1.67 36.15
CA PHE A 295 -19.04 1.03 34.85
C PHE A 295 -20.31 0.28 34.45
N ARG A 296 -21.44 0.61 35.08
CA ARG A 296 -22.72 0.01 34.68
C ARG A 296 -23.09 0.49 33.29
N PRO A 297 -23.49 -0.41 32.39
CA PRO A 297 -23.97 0.04 31.08
C PRO A 297 -25.25 0.84 31.23
N HIS A 298 -25.52 1.67 30.23
CA HIS A 298 -26.72 2.50 30.23
C HIS A 298 -27.94 1.63 29.97
N GLU A 299 -28.99 1.85 30.76
CA GLU A 299 -30.19 1.00 30.68
C GLU A 299 -31.13 1.44 29.57
N GLU A 300 -31.35 2.75 29.42
CA GLU A 300 -32.29 3.24 28.43
C GLU A 300 -31.64 3.59 27.10
N LEU A 301 -30.34 3.90 27.08
CA LEU A 301 -29.62 4.22 25.85
C LEU A 301 -28.42 3.30 25.67
N PRO A 302 -28.65 1.99 25.63
CA PRO A 302 -27.51 1.07 25.49
C PRO A 302 -26.82 1.26 24.16
N MSE A 303 -25.54 0.92 24.14
CA MSE A 303 -24.72 0.98 22.94
C MSE A 303 -23.44 0.20 23.23
O MSE A 303 -22.90 0.32 24.33
CB MSE A 303 -24.43 2.43 22.55
CG MSE A 303 -23.73 2.63 21.22
SE MSE A 303 -21.83 2.98 21.55
CE MSE A 303 -21.36 3.94 20.03
N GLU A 304 -23.00 -0.62 22.29
CA GLU A 304 -21.73 -1.34 22.41
C GLU A 304 -21.29 -1.80 21.03
N VAL A 305 -20.11 -1.35 20.61
CA VAL A 305 -19.53 -1.60 19.29
C VAL A 305 -18.26 -2.40 19.57
N PRO A 306 -17.88 -3.35 18.71
CA PRO A 306 -16.57 -3.98 18.87
C PRO A 306 -15.47 -2.96 18.71
N LEU A 307 -14.41 -3.12 19.50
CA LEU A 307 -13.19 -2.37 19.24
C LEU A 307 -12.36 -3.05 18.17
N PHE A 308 -12.15 -4.36 18.32
CA PHE A 308 -11.50 -5.18 17.32
C PHE A 308 -12.48 -6.24 16.86
N LEU A 309 -12.41 -6.57 15.57
CA LEU A 309 -13.40 -7.43 14.91
C LEU A 309 -12.97 -8.90 14.87
N MSE B 7 -2.62 16.22 -14.27
CA MSE B 7 -2.29 16.43 -12.86
C MSE B 7 -2.15 15.10 -12.13
O MSE B 7 -1.71 15.05 -10.98
CB MSE B 7 -3.35 17.31 -12.20
CG MSE B 7 -3.28 18.74 -12.73
SE MSE B 7 -1.43 19.47 -12.80
CE MSE B 7 -0.89 19.01 -14.64
N ARG B 8 -2.50 14.03 -12.85
CA ARG B 8 -2.26 12.68 -12.36
C ARG B 8 -0.78 12.41 -12.12
N VAL B 9 0.13 13.17 -12.76
CA VAL B 9 1.55 12.98 -12.55
C VAL B 9 1.94 13.23 -11.08
N PHE B 10 1.09 13.90 -10.31
CA PHE B 10 1.34 14.12 -8.89
C PHE B 10 0.48 13.24 -7.98
N ASN B 11 -0.34 12.38 -8.55
CA ASN B 11 -1.30 11.62 -7.75
C ASN B 11 -0.66 10.35 -7.19
N PRO B 12 -0.65 10.16 -5.87
CA PRO B 12 0.02 8.95 -5.33
C PRO B 12 -0.54 7.66 -5.89
N SER B 13 -1.84 7.61 -6.19
CA SER B 13 -2.45 6.37 -6.68
C SER B 13 -1.96 6.01 -8.07
N TYR B 14 -1.48 6.98 -8.85
CA TYR B 14 -0.83 6.68 -10.11
C TYR B 14 0.43 5.83 -9.89
N TYR B 15 1.29 6.26 -8.97
CA TYR B 15 2.53 5.52 -8.74
C TYR B 15 2.30 4.19 -8.01
N THR B 16 1.31 4.13 -7.13
CA THR B 16 0.93 2.85 -6.53
C THR B 16 0.50 1.86 -7.60
N ALA B 17 -0.26 2.31 -8.57
CA ALA B 17 -0.66 1.43 -9.67
C ALA B 17 0.56 0.95 -10.44
N ILE B 18 1.46 1.87 -10.77
CA ILE B 18 2.65 1.49 -11.52
C ILE B 18 3.44 0.45 -10.74
N ALA B 19 3.57 0.65 -9.42
CA ALA B 19 4.29 -0.32 -8.59
C ALA B 19 3.69 -1.71 -8.74
N GLU B 20 2.37 -1.82 -8.68
CA GLU B 20 1.74 -3.12 -8.83
C GLU B 20 1.97 -3.68 -10.25
N ILE B 21 1.92 -2.80 -11.26
CA ILE B 21 2.13 -3.26 -12.63
C ILE B 21 3.55 -3.77 -12.82
N MSE B 22 4.52 -3.14 -12.16
CA MSE B 22 5.91 -3.61 -12.19
C MSE B 22 6.01 -5.01 -11.53
O MSE B 22 6.76 -5.82 -12.00
CB MSE B 22 6.84 -2.58 -11.58
CG MSE B 22 6.92 -1.31 -12.37
SE MSE B 22 7.62 -1.64 -14.14
CE MSE B 22 6.19 -1.52 -15.27
N LYS B 23 5.25 -5.27 -10.46
CA LYS B 23 5.22 -6.61 -9.89
C LYS B 23 4.68 -7.64 -10.88
N LEU B 24 3.56 -7.32 -11.55
CA LEU B 24 3.03 -8.22 -12.56
C LEU B 24 4.06 -8.45 -13.67
N ARG B 25 4.79 -7.40 -14.04
CA ARG B 25 5.80 -7.53 -15.08
C ARG B 25 6.89 -8.55 -14.68
N SER B 26 7.33 -8.52 -13.42
CA SER B 26 8.30 -9.51 -12.95
C SER B 26 7.76 -10.91 -13.05
N LYS B 27 6.47 -11.09 -12.74
CA LYS B 27 5.84 -12.41 -12.86
C LYS B 27 5.72 -12.83 -14.31
N TYR B 28 5.47 -11.88 -15.20
CA TYR B 28 5.45 -12.16 -16.64
C TYR B 28 6.82 -12.61 -17.13
N ILE B 29 7.88 -11.92 -16.72
CA ILE B 29 9.24 -12.33 -17.10
C ILE B 29 9.49 -13.76 -16.63
N THR B 30 9.07 -14.08 -15.41
CA THR B 30 9.34 -15.41 -14.85
C THR B 30 8.50 -16.48 -15.54
N ASN B 31 7.20 -16.21 -15.74
CA ASN B 31 6.31 -17.26 -16.18
C ASN B 31 5.99 -17.23 -17.67
N ARG B 32 6.30 -16.13 -18.36
CA ARG B 32 6.05 -15.92 -19.80
C ARG B 32 4.57 -15.80 -20.14
N SER B 33 3.71 -15.71 -19.12
CA SER B 33 2.33 -15.27 -19.26
C SER B 33 1.80 -14.88 -17.88
N ILE B 34 0.74 -14.08 -17.86
CA ILE B 34 0.06 -13.71 -16.63
C ILE B 34 -1.43 -13.63 -16.91
N PHE B 35 -2.23 -13.99 -15.91
CA PHE B 35 -3.67 -13.78 -15.96
C PHE B 35 -4.04 -12.86 -14.81
N VAL B 36 -4.76 -11.79 -15.11
CA VAL B 36 -5.09 -10.79 -14.11
C VAL B 36 -6.60 -10.73 -14.04
N GLU B 37 -7.15 -11.00 -12.86
CA GLU B 37 -8.60 -10.93 -12.69
C GLU B 37 -9.08 -9.50 -12.83
N GLY B 38 -10.27 -9.34 -13.41
CA GLY B 38 -10.82 -8.00 -13.63
C GLY B 38 -10.93 -7.18 -12.35
N SER B 39 -11.26 -7.82 -11.23
CA SER B 39 -11.29 -7.12 -9.95
C SER B 39 -9.93 -6.50 -9.61
N ASP B 40 -8.83 -7.14 -10.04
CA ASP B 40 -7.50 -6.57 -9.86
C ASP B 40 -7.12 -5.57 -10.95
N MSE B 41 -7.66 -5.73 -12.16
CA MSE B 41 -7.40 -4.74 -13.19
C MSE B 41 -8.06 -3.39 -12.90
O MSE B 41 -7.46 -2.36 -13.19
CB MSE B 41 -7.86 -5.24 -14.58
CG MSE B 41 -7.10 -6.45 -15.05
SE MSE B 41 -5.31 -5.96 -15.64
CE MSE B 41 -5.63 -4.15 -16.27
N VAL B 42 -9.27 -3.39 -12.33
CA VAL B 42 -10.00 -2.13 -12.17
C VAL B 42 -9.19 -1.06 -11.42
N PRO B 43 -8.63 -1.35 -10.23
CA PRO B 43 -7.84 -0.29 -9.56
C PRO B 43 -6.58 0.09 -10.32
N LEU B 44 -5.98 -0.82 -11.08
CA LEU B 44 -4.83 -0.44 -11.90
C LEU B 44 -5.24 0.56 -12.98
N LEU B 45 -6.34 0.27 -13.69
CA LEU B 45 -6.76 1.18 -14.75
C LEU B 45 -7.20 2.52 -14.20
N LEU B 46 -7.91 2.52 -13.06
CA LEU B 46 -8.25 3.78 -12.40
C LEU B 46 -6.99 4.58 -12.08
N GLY B 47 -5.99 3.90 -11.49
CA GLY B 47 -4.76 4.58 -11.15
C GLY B 47 -4.08 5.18 -12.35
N LEU B 48 -4.23 4.56 -13.52
CA LEU B 48 -3.63 5.05 -14.75
C LEU B 48 -4.41 6.20 -15.37
N GLY B 49 -5.66 6.41 -14.95
CA GLY B 49 -6.43 7.48 -15.54
C GLY B 49 -7.80 7.10 -16.08
N ALA B 50 -8.21 5.84 -15.99
CA ALA B 50 -9.54 5.45 -16.45
C ALA B 50 -10.60 6.10 -15.58
N THR B 51 -11.68 6.60 -16.22
CA THR B 51 -12.80 7.10 -15.44
C THR B 51 -13.83 6.00 -15.26
N ARG B 52 -14.58 6.08 -14.16
CA ARG B 52 -15.60 5.06 -13.94
C ARG B 52 -16.70 5.12 -14.99
N ALA B 53 -16.96 6.30 -15.56
CA ALA B 53 -17.91 6.38 -16.65
C ALA B 53 -17.39 5.63 -17.87
N ASP B 54 -16.09 5.75 -18.17
CA ASP B 54 -15.54 5.05 -19.32
C ASP B 54 -15.43 3.54 -19.08
N LEU B 55 -15.15 3.12 -17.84
CA LEU B 55 -15.21 1.69 -17.54
C LEU B 55 -16.62 1.15 -17.79
N ASP B 56 -17.65 1.90 -17.39
CA ASP B 56 -19.02 1.51 -17.73
C ASP B 56 -19.22 1.45 -19.23
N ALA B 57 -18.82 2.51 -19.94
CA ALA B 57 -19.05 2.58 -21.37
C ALA B 57 -18.30 1.50 -22.14
N LEU B 58 -17.21 0.98 -21.57
CA LEU B 58 -16.49 -0.12 -22.19
C LEU B 58 -17.33 -1.38 -22.28
N GLN B 59 -18.35 -1.52 -21.43
CA GLN B 59 -19.23 -2.68 -21.50
C GLN B 59 -20.33 -2.54 -22.55
N ARG B 60 -20.38 -1.41 -23.27
CA ARG B 60 -21.36 -1.18 -24.32
C ARG B 60 -20.77 -1.00 -25.71
N VAL B 61 -19.46 -0.74 -25.82
CA VAL B 61 -18.88 -0.39 -27.11
C VAL B 61 -18.97 -1.55 -28.11
N SER B 62 -19.01 -2.79 -27.61
CA SER B 62 -19.09 -3.94 -28.51
C SER B 62 -20.44 -4.03 -29.22
N ASN B 63 -21.43 -3.26 -28.78
CA ASN B 63 -22.73 -3.23 -29.43
C ASN B 63 -22.69 -2.54 -30.79
N ASN B 64 -21.61 -1.82 -31.10
CA ASN B 64 -21.50 -1.01 -32.31
C ASN B 64 -20.46 -1.55 -33.28
N LEU B 65 -20.14 -2.83 -33.18
CA LEU B 65 -19.16 -3.46 -34.05
C LEU B 65 -19.77 -3.72 -35.42
N TYR B 66 -18.90 -3.87 -36.42
CA TYR B 66 -19.33 -4.01 -37.80
C TYR B 66 -19.84 -5.42 -38.07
N SER B 67 -20.90 -5.52 -38.90
CA SER B 67 -21.54 -6.78 -39.27
C SER B 67 -21.43 -6.98 -40.77
N ASP B 68 -20.79 -8.08 -41.18
CA ASP B 68 -20.66 -8.48 -42.58
C ASP B 68 -21.47 -9.74 -42.82
N PRO B 69 -22.31 -9.79 -43.87
CA PRO B 69 -23.00 -11.05 -44.20
C PRO B 69 -22.04 -12.20 -44.52
N THR B 70 -20.88 -11.88 -45.10
CA THR B 70 -19.80 -12.84 -45.29
C THR B 70 -19.47 -13.62 -44.02
N LEU B 71 -19.65 -13.00 -42.86
CA LEU B 71 -19.21 -13.57 -41.58
C LEU B 71 -20.33 -13.41 -40.56
N PRO B 72 -21.24 -14.40 -40.46
CA PRO B 72 -22.36 -14.28 -39.52
C PRO B 72 -22.03 -14.63 -38.07
N PHE B 73 -20.90 -15.27 -37.79
CA PHE B 73 -20.55 -15.66 -36.43
C PHE B 73 -19.60 -14.68 -35.75
N ARG B 74 -19.27 -13.56 -36.39
CA ARG B 74 -18.40 -12.58 -35.73
C ARG B 74 -18.74 -11.16 -36.18
N ARG B 75 -18.72 -10.25 -35.21
CA ARG B 75 -18.78 -8.82 -35.45
C ARG B 75 -17.52 -8.20 -34.87
N SER B 76 -16.97 -7.20 -35.56
CA SER B 76 -15.63 -6.76 -35.19
C SER B 76 -15.36 -5.36 -35.71
N ARG B 77 -14.41 -4.71 -35.04
CA ARG B 77 -13.70 -3.53 -35.54
C ARG B 77 -12.23 -3.69 -35.19
N ASN B 78 -11.35 -3.10 -35.99
CA ASN B 78 -9.93 -3.18 -35.65
C ASN B 78 -9.23 -1.86 -35.95
N GLY B 79 -8.04 -1.72 -35.37
CA GLY B 79 -7.21 -0.56 -35.58
C GLY B 79 -5.78 -0.89 -35.24
N ARG B 80 -4.85 -0.22 -35.94
CA ARG B 80 -3.43 -0.36 -35.70
C ARG B 80 -2.96 0.78 -34.81
N PHE B 81 -2.18 0.43 -33.79
CA PHE B 81 -1.57 1.41 -32.92
C PHE B 81 -0.06 1.19 -32.92
N CYS B 82 0.66 2.22 -32.52
CA CYS B 82 2.11 2.19 -32.41
C CYS B 82 2.50 2.49 -30.97
N PHE B 83 3.21 1.56 -30.34
CA PHE B 83 3.93 1.86 -29.11
C PHE B 83 5.25 2.50 -29.52
N ASP B 84 5.39 3.81 -29.30
CA ASP B 84 6.56 4.58 -29.72
C ASP B 84 7.41 4.87 -28.48
N PHE B 85 8.54 4.20 -28.37
CA PHE B 85 9.36 4.35 -27.17
C PHE B 85 10.41 5.44 -27.32
N SER B 86 10.41 6.18 -28.42
CA SER B 86 11.17 7.42 -28.50
C SER B 86 10.33 8.60 -28.02
N THR B 87 9.11 8.71 -28.51
CA THR B 87 8.18 9.70 -27.99
C THR B 87 7.52 9.25 -26.69
N ARG B 88 7.73 8.01 -26.28
CA ARG B 88 7.13 7.44 -25.07
C ARG B 88 5.62 7.67 -25.04
N SER B 89 4.96 7.26 -26.12
CA SER B 89 3.52 7.42 -26.26
C SER B 89 2.99 6.29 -27.13
N VAL B 90 1.66 6.22 -27.23
CA VAL B 90 1.03 5.28 -28.15
C VAL B 90 0.04 6.08 -29.00
N ARG B 91 -0.01 5.77 -30.29
CA ARG B 91 -0.77 6.58 -31.24
C ARG B 91 -1.52 5.67 -32.21
N ARG B 92 -2.63 6.17 -32.73
CA ARG B 92 -3.38 5.47 -33.75
C ARG B 92 -2.68 5.65 -35.10
N LEU B 93 -2.49 4.55 -35.82
CA LEU B 93 -1.89 4.59 -37.15
C LEU B 93 -2.99 4.50 -38.22
N GLU B 94 -2.64 4.94 -39.43
CA GLU B 94 -3.54 4.88 -40.56
C GLU B 94 -3.87 3.43 -40.92
N PHE B 95 -5.01 3.27 -41.60
CA PHE B 95 -5.33 1.97 -42.17
C PHE B 95 -4.24 1.54 -43.13
N GLN B 96 -3.88 0.26 -43.06
CA GLN B 96 -2.93 -0.35 -43.99
C GLN B 96 -3.48 -1.68 -44.46
N PRO B 97 -3.72 -1.87 -45.76
CA PRO B 97 -4.28 -3.09 -46.35
C PRO B 97 -3.26 -4.24 -46.45
N ARG B 115 -11.59 1.49 -49.38
CA ARG B 115 -12.90 1.50 -48.74
C ARG B 115 -12.95 0.53 -47.55
N VAL B 116 -12.94 1.07 -46.33
CA VAL B 116 -12.90 0.26 -45.13
C VAL B 116 -13.91 0.79 -44.12
N PHE B 117 -14.78 -0.10 -43.63
CA PHE B 117 -15.91 0.32 -42.81
C PHE B 117 -15.90 -0.25 -41.40
N ASP B 118 -14.94 -1.09 -41.07
CA ASP B 118 -14.89 -1.73 -39.76
C ASP B 118 -13.71 -1.19 -38.94
N GLU B 119 -13.41 0.10 -39.09
CA GLU B 119 -12.34 0.72 -38.33
C GLU B 119 -12.77 0.99 -36.90
N VAL B 120 -11.88 0.75 -35.94
CA VAL B 120 -12.11 1.16 -34.56
C VAL B 120 -12.37 2.66 -34.52
N GLN B 121 -13.38 3.07 -33.76
CA GLN B 121 -13.86 4.45 -33.76
C GLN B 121 -13.46 5.19 -32.49
N ASP B 122 -13.71 6.50 -32.47
CA ASP B 122 -13.40 7.29 -31.29
C ASP B 122 -14.13 6.75 -30.06
N GLU B 123 -15.31 6.14 -30.25
CA GLU B 123 -16.04 5.56 -29.13
C GLU B 123 -15.15 4.65 -28.29
N LEU B 124 -14.31 3.84 -28.94
CA LEU B 124 -13.40 2.97 -28.21
C LEU B 124 -12.08 3.67 -27.91
N GLN B 125 -11.40 4.19 -28.95
CA GLN B 125 -10.02 4.62 -28.77
C GLN B 125 -9.89 5.90 -27.94
N LEU B 126 -10.96 6.68 -27.76
CA LEU B 126 -10.87 7.80 -26.82
C LEU B 126 -11.44 7.44 -25.43
N ASN B 127 -11.89 6.22 -25.25
CA ASN B 127 -12.30 5.75 -23.93
C ASN B 127 -11.06 5.64 -23.04
N THR B 128 -11.07 6.34 -21.90
CA THR B 128 -9.87 6.37 -21.06
C THR B 128 -9.53 5.03 -20.41
N ALA B 129 -10.51 4.13 -20.27
CA ALA B 129 -10.22 2.79 -19.80
C ALA B 129 -9.53 1.97 -20.88
N PHE B 130 -10.02 2.04 -22.12
CA PHE B 130 -9.28 1.43 -23.22
C PHE B 130 -7.86 1.97 -23.31
N GLN B 131 -7.71 3.30 -23.19
CA GLN B 131 -6.37 3.89 -23.24
C GLN B 131 -5.51 3.36 -22.09
N ALA B 132 -6.09 3.23 -20.91
CA ALA B 132 -5.33 2.68 -19.79
C ALA B 132 -4.90 1.24 -20.09
N LEU B 133 -5.73 0.48 -20.81
CA LEU B 133 -5.33 -0.87 -21.19
C LEU B 133 -4.10 -0.86 -22.09
N LEU B 134 -4.03 0.07 -23.04
CA LEU B 134 -2.85 0.17 -23.88
C LEU B 134 -1.62 0.54 -23.07
N VAL B 135 -1.75 1.53 -22.18
CA VAL B 135 -0.62 1.93 -21.35
C VAL B 135 -0.17 0.74 -20.50
N PHE B 136 -1.12 0.05 -19.88
CA PHE B 136 -0.82 -1.13 -19.08
C PHE B 136 0.06 -2.11 -19.84
N LYS B 137 -0.35 -2.47 -21.06
CA LYS B 137 0.40 -3.45 -21.84
C LYS B 137 1.80 -2.94 -22.18
N GLY B 138 1.90 -1.68 -22.63
CA GLY B 138 3.21 -1.15 -23.00
C GLY B 138 4.18 -1.15 -21.83
N MSE B 139 3.67 -0.81 -20.65
CA MSE B 139 4.46 -0.76 -19.41
C MSE B 139 5.03 -2.13 -19.08
O MSE B 139 6.15 -2.20 -18.73
CB MSE B 139 3.64 -0.24 -18.23
CG MSE B 139 3.45 1.23 -18.19
SE MSE B 139 2.63 1.75 -16.54
CE MSE B 139 3.42 0.59 -15.28
N ILE B 140 4.24 -3.18 -19.22
CA ILE B 140 4.68 -4.54 -18.90
C ILE B 140 5.67 -5.05 -19.94
N CYS B 141 5.32 -4.95 -21.22
CA CYS B 141 6.12 -5.58 -22.26
C CYS B 141 7.44 -4.86 -22.49
N HIS B 142 7.49 -3.56 -22.20
CA HIS B 142 8.70 -2.75 -22.34
C HIS B 142 9.87 -3.39 -21.62
N GLY B 143 10.96 -3.62 -22.35
CA GLY B 143 12.19 -4.15 -21.77
C GLY B 143 12.21 -5.65 -21.55
N VAL B 144 11.13 -6.37 -21.82
CA VAL B 144 11.12 -7.81 -21.56
C VAL B 144 11.80 -8.53 -22.72
N GLN B 145 12.91 -9.20 -22.43
CA GLN B 145 13.63 -9.94 -23.46
C GLN B 145 12.88 -11.21 -23.83
N THR B 146 12.68 -11.42 -25.14
CA THR B 146 11.96 -12.59 -25.64
C THR B 146 12.72 -13.18 -26.84
N THR B 147 12.21 -14.32 -27.31
CA THR B 147 12.68 -14.92 -28.55
C THR B 147 12.42 -14.00 -29.75
N HIS B 148 13.45 -13.78 -30.58
CA HIS B 148 13.32 -12.87 -31.70
C HIS B 148 12.87 -13.61 -32.96
N ARG B 149 11.71 -13.22 -33.50
CA ARG B 149 11.26 -13.78 -34.78
C ARG B 149 12.18 -13.26 -35.88
N PRO B 150 12.72 -14.14 -36.73
CA PRO B 150 13.66 -13.67 -37.77
C PRO B 150 13.09 -12.63 -38.72
N ARG B 151 11.78 -12.62 -38.95
CA ARG B 151 11.25 -11.70 -39.94
C ARG B 151 11.00 -10.30 -39.37
N LEU B 152 11.29 -10.06 -38.09
CA LEU B 152 10.97 -8.79 -37.47
C LEU B 152 12.23 -8.08 -37.02
N ASP B 153 12.12 -6.77 -36.79
CA ASP B 153 13.27 -5.90 -36.54
C ASP B 153 13.28 -5.44 -35.08
N TYR B 154 14.10 -6.09 -34.27
CA TYR B 154 14.19 -5.80 -32.85
C TYR B 154 15.18 -4.67 -32.55
N SER B 155 15.78 -4.06 -33.56
CA SER B 155 16.51 -2.82 -33.32
C SER B 155 15.57 -1.62 -33.25
N SER B 156 14.32 -1.77 -33.65
CA SER B 156 13.43 -0.62 -33.70
C SER B 156 13.03 -0.17 -32.30
N ASP B 157 12.62 1.09 -32.20
CA ASP B 157 12.06 1.65 -30.98
C ASP B 157 10.52 1.75 -31.04
N LYS B 158 9.90 1.15 -32.04
CA LYS B 158 8.46 1.21 -32.27
C LYS B 158 7.90 -0.20 -32.33
N TRP B 159 6.73 -0.40 -31.73
CA TRP B 159 5.97 -1.64 -31.91
C TRP B 159 4.68 -1.33 -32.65
N VAL B 160 4.22 -2.31 -33.42
CA VAL B 160 2.89 -2.27 -34.03
C VAL B 160 1.97 -3.07 -33.16
N CYS B 161 0.84 -2.48 -32.76
CA CYS B 161 -0.17 -3.18 -31.98
C CYS B 161 -1.46 -3.18 -32.80
N THR B 162 -1.84 -4.35 -33.29
CA THR B 162 -3.10 -4.50 -33.99
C THR B 162 -4.17 -4.92 -32.98
N LEU B 163 -5.19 -4.09 -32.81
CA LEU B 163 -6.23 -4.28 -31.81
C LEU B 163 -7.55 -4.63 -32.48
N PHE B 164 -8.15 -5.75 -32.10
CA PHE B 164 -9.49 -6.13 -32.52
C PHE B 164 -10.46 -6.07 -31.35
N ASN B 165 -11.58 -5.41 -31.56
CA ASN B 165 -12.71 -5.48 -30.65
C ASN B 165 -13.70 -6.44 -31.30
N LEU B 166 -13.96 -7.58 -30.67
CA LEU B 166 -14.54 -8.73 -31.35
C LEU B 166 -15.69 -9.31 -30.53
N ARG B 167 -16.86 -9.43 -31.15
CA ARG B 167 -17.99 -10.15 -30.57
C ARG B 167 -18.20 -11.42 -31.38
N THR B 168 -18.02 -12.59 -30.75
CA THR B 168 -18.34 -13.84 -31.41
C THR B 168 -19.78 -14.21 -31.12
N VAL B 169 -20.40 -14.96 -32.03
CA VAL B 169 -21.82 -15.31 -31.95
C VAL B 169 -21.96 -16.80 -32.21
N THR B 170 -22.59 -17.51 -31.27
CA THR B 170 -22.83 -18.95 -31.37
C THR B 170 -24.34 -19.14 -31.46
N THR B 171 -24.79 -19.78 -32.55
CA THR B 171 -26.23 -19.84 -32.74
C THR B 171 -26.71 -21.29 -32.85
N PRO B 172 -27.90 -21.62 -32.31
CA PRO B 172 -28.48 -22.96 -32.16
C PRO B 172 -28.39 -23.89 -33.40
N LEU B 180 -12.94 -24.77 -34.89
CA LEU B 180 -12.20 -23.70 -35.54
C LEU B 180 -10.68 -23.93 -35.48
N GLU B 181 -9.94 -22.86 -35.19
CA GLU B 181 -8.48 -22.90 -35.19
C GLU B 181 -7.95 -23.77 -34.05
N GLY B 182 -6.90 -24.54 -34.35
CA GLY B 182 -6.27 -25.40 -33.39
C GLY B 182 -5.12 -24.72 -32.66
N VAL B 183 -4.23 -25.54 -32.10
CA VAL B 183 -3.03 -25.05 -31.45
C VAL B 183 -2.24 -24.16 -32.40
N HIS B 184 -1.86 -22.97 -31.95
CA HIS B 184 -1.18 -22.01 -32.82
C HIS B 184 -0.40 -20.98 -32.00
N THR B 185 0.46 -20.25 -32.69
CA THR B 185 0.91 -18.92 -32.28
C THR B 185 0.28 -17.88 -33.21
N ASP B 186 0.17 -16.65 -32.71
CA ASP B 186 -0.40 -15.54 -33.47
C ASP B 186 0.60 -14.86 -34.38
N GLY B 187 1.87 -15.28 -34.36
CA GLY B 187 2.86 -14.65 -35.20
C GLY B 187 3.34 -13.30 -34.74
N VAL B 188 3.17 -12.96 -33.45
CA VAL B 188 3.59 -11.67 -32.95
C VAL B 188 4.54 -11.90 -31.77
N ASP B 189 4.80 -10.86 -30.98
CA ASP B 189 5.65 -10.98 -29.79
C ASP B 189 4.84 -11.14 -28.51
N HIS B 190 3.83 -10.30 -28.29
CA HIS B 190 3.00 -10.34 -27.08
C HIS B 190 1.54 -10.25 -27.50
N THR B 191 0.70 -11.11 -26.93
CA THR B 191 -0.73 -11.10 -27.19
C THR B 191 -1.47 -10.89 -25.87
N MSE B 192 -2.44 -9.97 -25.88
CA MSE B 192 -3.25 -9.67 -24.69
C MSE B 192 -4.72 -9.79 -25.09
O MSE B 192 -5.15 -9.23 -26.12
CB MSE B 192 -2.94 -8.26 -24.14
CG MSE B 192 -3.72 -7.91 -22.87
SE MSE B 192 -2.89 -6.52 -21.82
CE MSE B 192 -3.88 -4.89 -22.39
N THR B 193 -5.49 -10.53 -24.29
CA THR B 193 -6.92 -10.72 -24.53
C THR B 193 -7.67 -10.30 -23.27
N THR B 194 -8.53 -9.32 -23.40
CA THR B 194 -9.23 -8.71 -22.28
C THR B 194 -10.72 -8.87 -22.53
N TYR B 195 -11.43 -9.37 -21.51
CA TYR B 195 -12.83 -9.70 -21.60
C TYR B 195 -13.69 -8.49 -21.25
N LEU B 196 -14.64 -8.17 -22.12
CA LEU B 196 -15.54 -7.05 -21.86
C LEU B 196 -16.90 -7.46 -21.36
N GLY B 197 -17.40 -8.61 -21.79
CA GLY B 197 -18.72 -9.07 -21.39
C GLY B 197 -19.10 -10.29 -22.21
N SER B 198 -20.28 -10.83 -21.88
CA SER B 198 -20.84 -11.95 -22.62
C SER B 198 -22.35 -12.05 -22.37
N LYS B 199 -23.00 -12.95 -23.11
CA LYS B 199 -24.45 -13.13 -23.07
C LYS B 199 -24.76 -14.61 -23.26
N ASN B 200 -25.45 -15.21 -22.27
CA ASN B 200 -25.90 -16.61 -22.36
C ASN B 200 -24.73 -17.58 -22.49
N MSE B 201 -23.65 -17.30 -21.79
CA MSE B 201 -22.50 -18.15 -21.92
C MSE B 201 -22.39 -19.05 -20.71
O MSE B 201 -22.32 -18.57 -19.58
CB MSE B 201 -21.23 -17.30 -22.08
CG MSE B 201 -19.93 -18.05 -21.98
SE MSE B 201 -18.41 -16.98 -22.70
CE MSE B 201 -18.20 -15.72 -21.32
N ASP B 202 -22.37 -20.36 -20.95
CA ASP B 202 -22.24 -21.35 -19.88
C ASP B 202 -20.82 -21.33 -19.32
N LEU B 203 -20.67 -20.89 -18.07
CA LEU B 203 -19.34 -20.72 -17.49
C LEU B 203 -18.82 -21.99 -16.84
N ALA B 204 -19.69 -22.77 -16.21
CA ALA B 204 -19.24 -23.97 -15.50
C ALA B 204 -18.55 -24.95 -16.43
N ALA B 205 -19.03 -25.06 -17.66
CA ALA B 205 -18.39 -25.98 -18.61
C ALA B 205 -17.04 -25.40 -19.03
N ASN B 206 -16.34 -26.11 -19.90
N ASN B 206 -16.41 -26.08 -20.01
CA ASN B 206 -15.13 -25.51 -20.46
CA ASN B 206 -15.16 -25.70 -20.65
C ASN B 206 -15.52 -24.75 -21.73
C ASN B 206 -15.34 -24.61 -21.71
N SER B 207 -16.24 -23.66 -21.48
CA SER B 207 -16.65 -22.72 -22.51
C SER B 207 -15.65 -21.55 -22.60
N ALA B 208 -15.16 -21.32 -23.82
CA ALA B 208 -14.21 -20.24 -24.10
C ALA B 208 -13.00 -20.28 -23.15
N VAL B 209 -12.39 -21.46 -23.04
CA VAL B 209 -11.21 -21.67 -22.19
C VAL B 209 -9.96 -21.52 -23.05
N THR B 210 -8.98 -20.77 -22.57
CA THR B 210 -7.70 -20.62 -23.26
C THR B 210 -6.71 -21.58 -22.61
N PHE B 211 -6.18 -22.51 -23.40
CA PHE B 211 -5.08 -23.37 -22.99
C PHE B 211 -3.77 -22.81 -23.53
N MSE B 212 -2.72 -22.90 -22.75
CA MSE B 212 -1.42 -22.60 -23.30
C MSE B 212 -0.54 -23.81 -23.19
O MSE B 212 -0.59 -24.55 -22.19
CB MSE B 212 -0.80 -21.40 -22.60
CG MSE B 212 -1.56 -20.10 -22.89
SE MSE B 212 -0.97 -18.86 -21.56
CE MSE B 212 0.90 -19.17 -21.79
N HIS B 213 0.27 -24.02 -24.22
CA HIS B 213 1.05 -25.23 -24.39
C HIS B 213 2.50 -24.85 -24.59
N ASP B 214 3.39 -25.79 -24.27
CA ASP B 214 4.80 -25.59 -24.61
C ASP B 214 4.98 -25.78 -26.11
N MSE B 215 6.17 -25.45 -26.59
CA MSE B 215 6.46 -25.46 -28.04
C MSE B 215 6.45 -26.86 -28.64
O MSE B 215 6.48 -26.96 -29.82
CB MSE B 215 7.75 -24.69 -28.33
CG MSE B 215 7.73 -23.31 -27.73
SE MSE B 215 6.41 -22.21 -28.57
CE MSE B 215 7.04 -22.07 -30.35
N ASN B 216 6.37 -27.89 -27.83
CA ASN B 216 6.33 -29.25 -28.35
C ASN B 216 4.92 -29.75 -28.64
N GLU B 217 3.89 -28.97 -28.30
CA GLU B 217 2.55 -29.32 -28.73
C GLU B 217 2.43 -29.16 -30.24
N GLU B 218 1.61 -30.01 -30.85
CA GLU B 218 1.41 -30.06 -32.30
C GLU B 218 0.62 -28.85 -32.78
N THR B 219 1.24 -27.98 -33.58
CA THR B 219 0.49 -26.91 -34.24
C THR B 219 -0.66 -27.51 -35.04
N GLY B 220 -1.86 -26.97 -34.82
CA GLY B 220 -3.04 -27.44 -35.53
C GLY B 220 -3.86 -28.48 -34.80
N ALA B 221 -3.33 -29.10 -33.74
CA ALA B 221 -4.10 -30.05 -32.96
C ALA B 221 -5.40 -29.42 -32.47
N LYS B 222 -6.46 -30.22 -32.48
CA LYS B 222 -7.75 -29.79 -31.94
C LYS B 222 -7.67 -29.76 -30.41
N TYR B 223 -8.41 -28.82 -29.81
CA TYR B 223 -8.27 -28.61 -28.37
C TYR B 223 -8.66 -29.86 -27.56
N THR B 224 -9.51 -30.72 -28.11
CA THR B 224 -9.81 -31.98 -27.43
C THR B 224 -8.61 -32.92 -27.44
N GLU B 225 -7.71 -32.78 -28.41
CA GLU B 225 -6.63 -33.74 -28.62
C GLU B 225 -5.30 -33.30 -28.02
N ILE B 226 -5.28 -32.24 -27.23
CA ILE B 226 -4.01 -31.75 -26.72
C ILE B 226 -3.55 -32.64 -25.57
N LYS B 227 -2.24 -32.83 -25.48
CA LYS B 227 -1.66 -33.73 -24.49
C LYS B 227 -1.49 -33.01 -23.16
N PRO B 228 -1.97 -33.58 -22.05
CA PRO B 228 -1.76 -32.93 -20.75
C PRO B 228 -0.29 -32.72 -20.43
N GLN B 229 0.60 -33.58 -20.94
CA GLN B 229 2.02 -33.45 -20.68
C GLN B 229 2.60 -32.16 -21.22
N ASN B 230 1.93 -31.52 -22.19
CA ASN B 230 2.45 -30.32 -22.82
C ASN B 230 1.69 -29.08 -22.41
N LEU B 231 0.81 -29.18 -21.43
CA LEU B 231 -0.05 -28.09 -21.00
C LEU B 231 0.67 -27.22 -19.98
N ARG B 232 0.79 -25.93 -20.29
CA ARG B 232 1.44 -24.98 -19.40
C ARG B 232 0.47 -24.15 -18.59
N SER B 233 -0.74 -23.92 -19.08
CA SER B 233 -1.70 -23.11 -18.35
C SER B 233 -3.09 -23.36 -18.91
N ARG B 234 -4.09 -23.18 -18.05
CA ARG B 234 -5.50 -23.21 -18.42
C ARG B 234 -6.16 -22.01 -17.80
N VAL B 235 -6.90 -21.25 -18.61
CA VAL B 235 -7.47 -20.00 -18.15
C VAL B 235 -8.85 -19.80 -18.78
N GLN B 236 -9.71 -19.04 -18.10
CA GLN B 236 -11.06 -18.81 -18.60
C GLN B 236 -11.52 -17.40 -18.21
N HIS B 237 -11.65 -16.50 -19.18
CA HIS B 237 -12.23 -15.21 -18.89
C HIS B 237 -13.69 -15.37 -18.49
N ARG B 238 -14.09 -14.71 -17.42
CA ARG B 238 -15.51 -14.73 -17.01
C ARG B 238 -16.03 -13.40 -16.51
N HIS B 239 -15.19 -12.48 -16.08
CA HIS B 239 -15.65 -11.25 -15.45
C HIS B 239 -14.98 -10.06 -16.12
N PHE B 240 -15.73 -8.96 -16.18
CA PHE B 240 -15.31 -7.72 -16.80
C PHE B 240 -13.85 -7.40 -16.50
N LEU B 241 -13.05 -7.35 -17.56
CA LEU B 241 -11.64 -6.95 -17.60
C LEU B 241 -10.68 -8.06 -17.16
N ASP B 242 -11.16 -9.30 -16.94
CA ASP B 242 -10.26 -10.45 -16.96
C ASP B 242 -9.31 -10.33 -18.16
N THR B 243 -8.00 -10.46 -17.89
CA THR B 243 -6.97 -10.19 -18.89
C THR B 243 -5.89 -11.25 -18.86
N LEU B 244 -5.63 -11.84 -20.02
CA LEU B 244 -4.53 -12.77 -20.24
C LEU B 244 -3.49 -12.10 -21.12
N LEU B 245 -2.23 -12.13 -20.70
CA LEU B 245 -1.11 -11.64 -21.51
C LEU B 245 -0.09 -12.78 -21.65
N LEU B 246 0.40 -13.01 -22.88
CA LEU B 246 1.30 -14.14 -23.10
C LEU B 246 2.38 -13.77 -24.10
N VAL B 247 3.57 -14.36 -23.92
CA VAL B 247 4.67 -14.20 -24.86
C VAL B 247 4.40 -15.14 -26.03
N ASP B 248 4.10 -14.56 -27.20
CA ASP B 248 3.52 -15.35 -28.28
C ASP B 248 4.55 -16.24 -28.97
N THR B 249 5.84 -15.92 -28.83
CA THR B 249 6.93 -16.69 -29.42
C THR B 249 7.38 -17.85 -28.55
N GLU B 250 6.93 -17.93 -27.30
CA GLU B 250 7.42 -18.97 -26.41
C GLU B 250 6.31 -19.86 -25.88
N ASN B 251 5.06 -19.59 -26.26
CA ASN B 251 3.88 -20.38 -25.91
C ASN B 251 3.09 -20.64 -27.18
N LYS B 252 2.44 -21.79 -27.24
CA LYS B 252 1.38 -21.99 -28.20
C LYS B 252 0.09 -21.91 -27.41
N HIS B 253 -1.02 -21.64 -28.10
CA HIS B 253 -2.28 -21.55 -27.37
C HIS B 253 -3.42 -22.04 -28.24
N SER B 254 -4.56 -22.27 -27.59
CA SER B 254 -5.77 -22.72 -28.26
C SER B 254 -6.95 -22.29 -27.42
N LEU B 255 -8.10 -22.11 -28.06
CA LEU B 255 -9.30 -21.61 -27.41
C LEU B 255 -10.45 -22.58 -27.69
N SER B 256 -11.21 -22.89 -26.65
CA SER B 256 -12.35 -23.78 -26.84
C SER B 256 -13.59 -22.98 -27.20
N PRO B 257 -14.57 -23.60 -27.87
CA PRO B 257 -15.75 -22.84 -28.31
C PRO B 257 -16.55 -22.29 -27.14
N VAL B 258 -17.21 -21.16 -27.39
CA VAL B 258 -18.23 -20.68 -26.46
C VAL B 258 -19.36 -21.69 -26.41
N LEU B 259 -19.79 -22.04 -25.20
CA LEU B 259 -20.94 -22.91 -25.00
C LEU B 259 -22.11 -22.11 -24.47
N PRO B 260 -23.30 -22.24 -25.05
CA PRO B 260 -24.44 -21.48 -24.56
C PRO B 260 -25.04 -22.14 -23.32
N LEU B 261 -25.38 -21.30 -22.35
CA LEU B 261 -26.07 -21.80 -21.16
C LEU B 261 -27.42 -22.38 -21.54
N ASP B 262 -28.30 -21.56 -22.10
CA ASP B 262 -29.57 -22.00 -22.65
C ASP B 262 -29.36 -22.34 -24.13
N GLU B 263 -29.39 -23.65 -24.44
CA GLU B 263 -29.13 -24.11 -25.80
C GLU B 263 -30.08 -23.50 -26.83
N THR B 264 -31.24 -23.00 -26.41
CA THR B 264 -32.20 -22.47 -27.35
C THR B 264 -31.90 -21.05 -27.81
N LYS B 265 -30.86 -20.41 -27.26
CA LYS B 265 -30.57 -19.02 -27.57
C LYS B 265 -29.12 -18.84 -28.00
N GLU B 266 -28.84 -17.69 -28.61
CA GLU B 266 -27.48 -17.41 -29.03
C GLU B 266 -26.63 -17.01 -27.83
N ALA B 267 -25.34 -17.27 -27.95
CA ALA B 267 -24.36 -16.83 -26.95
C ALA B 267 -23.34 -15.92 -27.62
N THR B 268 -23.01 -14.82 -26.96
CA THR B 268 -22.03 -13.88 -27.46
C THR B 268 -20.92 -13.66 -26.44
N ARG B 269 -19.74 -13.30 -26.92
CA ARG B 269 -18.58 -13.05 -26.06
C ARG B 269 -17.82 -11.85 -26.63
N ASP B 270 -17.62 -10.82 -25.83
CA ASP B 270 -16.99 -9.58 -26.27
C ASP B 270 -15.57 -9.49 -25.73
N MSE B 271 -14.59 -9.34 -26.62
CA MSE B 271 -13.17 -9.30 -26.28
C MSE B 271 -12.49 -8.06 -26.86
O MSE B 271 -12.91 -7.55 -27.90
CB MSE B 271 -12.42 -10.52 -26.82
CG MSE B 271 -12.90 -11.88 -26.32
SE MSE B 271 -12.92 -12.07 -24.38
CE MSE B 271 -10.95 -12.28 -24.22
N LEU B 272 -11.43 -7.60 -26.20
CA LEU B 272 -10.40 -6.80 -26.86
C LEU B 272 -9.19 -7.71 -27.05
N ILE B 273 -8.67 -7.79 -28.27
CA ILE B 273 -7.53 -8.66 -28.58
C ILE B 273 -6.41 -7.78 -29.12
N PHE B 274 -5.30 -7.71 -28.38
CA PHE B 274 -4.15 -6.88 -28.72
C PHE B 274 -3.04 -7.79 -29.25
N PHE B 275 -2.67 -7.60 -30.52
CA PHE B 275 -1.54 -8.34 -31.12
C PHE B 275 -0.39 -7.37 -31.30
N THR B 276 0.68 -7.52 -30.51
CA THR B 276 1.79 -6.56 -30.50
C THR B 276 3.09 -7.21 -30.96
N ARG B 277 3.77 -6.59 -31.93
CA ARG B 277 5.02 -7.13 -32.44
C ARG B 277 5.95 -6.00 -32.90
N ARG B 278 7.24 -6.33 -33.01
CA ARG B 278 8.18 -5.44 -33.66
C ARG B 278 7.84 -5.37 -35.16
N PRO B 279 8.24 -4.29 -35.83
CA PRO B 279 7.91 -4.15 -37.26
C PRO B 279 8.63 -5.17 -38.11
N VAL B 280 8.09 -5.39 -39.31
CA VAL B 280 8.73 -6.29 -40.26
C VAL B 280 10.06 -5.70 -40.72
N LYS B 281 11.06 -6.58 -40.88
CA LYS B 281 12.40 -6.17 -41.25
C LYS B 281 12.49 -5.87 -42.74
N LYS B 282 13.06 -4.69 -43.05
CA LYS B 282 13.32 -4.28 -44.44
C LYS B 282 14.11 -5.31 -45.21
N GLY B 283 15.05 -6.00 -44.57
CA GLY B 283 15.98 -6.87 -45.26
C GLY B 283 15.39 -8.23 -45.59
N ASN B 291 6.10 -7.19 -46.94
CA ASN B 291 5.76 -5.78 -47.03
C ASN B 291 5.97 -5.09 -45.69
N ILE B 292 6.35 -3.82 -45.72
CA ILE B 292 6.73 -3.13 -44.50
C ILE B 292 5.51 -2.52 -43.82
N ASP B 293 5.64 -2.25 -42.53
CA ASP B 293 4.61 -1.60 -41.75
C ASP B 293 4.66 -0.09 -41.98
N SER B 294 3.50 0.51 -42.21
CA SER B 294 3.42 1.96 -42.28
C SER B 294 3.23 2.51 -40.88
N PHE B 295 3.97 3.56 -40.55
CA PHE B 295 3.82 4.23 -39.26
C PHE B 295 3.20 5.62 -39.41
N ARG B 296 2.58 5.89 -40.54
CA ARG B 296 1.84 7.14 -40.70
C ARG B 296 0.68 7.17 -39.70
N PRO B 297 0.54 8.23 -38.93
CA PRO B 297 -0.60 8.32 -38.02
C PRO B 297 -1.90 8.47 -38.80
N HIS B 298 -2.99 8.16 -38.11
CA HIS B 298 -4.30 8.20 -38.77
C HIS B 298 -4.73 9.63 -38.95
N GLU B 299 -5.13 9.99 -40.17
CA GLU B 299 -5.43 11.38 -40.47
C GLU B 299 -6.81 11.77 -39.96
N GLU B 300 -7.79 10.87 -40.04
CA GLU B 300 -9.14 11.24 -39.68
C GLU B 300 -9.56 10.75 -38.29
N LEU B 301 -8.90 9.73 -37.74
CA LEU B 301 -9.19 9.24 -36.39
C LEU B 301 -7.93 9.33 -35.52
N PRO B 302 -7.35 10.52 -35.40
CA PRO B 302 -6.07 10.62 -34.69
C PRO B 302 -6.25 10.32 -33.21
N MSE B 303 -5.17 9.85 -32.59
CA MSE B 303 -5.16 9.52 -31.18
C MSE B 303 -3.72 9.34 -30.72
O MSE B 303 -2.92 8.68 -31.37
CB MSE B 303 -5.99 8.25 -30.93
CG MSE B 303 -6.23 7.94 -29.47
SE MSE B 303 -4.91 6.69 -28.76
CE MSE B 303 -6.09 5.44 -28.20
N GLU B 304 -3.37 9.98 -29.61
CA GLU B 304 -2.04 9.81 -29.04
C GLU B 304 -2.10 10.11 -27.56
N VAL B 305 -1.59 9.19 -26.73
CA VAL B 305 -1.57 9.40 -25.29
C VAL B 305 -0.18 9.03 -24.80
N PRO B 306 0.34 9.70 -23.76
CA PRO B 306 1.65 9.32 -23.22
C PRO B 306 1.60 7.97 -22.53
N LEU B 307 2.72 7.24 -22.62
CA LEU B 307 2.86 6.01 -21.84
C LEU B 307 3.26 6.30 -20.41
N PHE B 308 4.00 7.38 -20.20
CA PHE B 308 4.50 7.78 -18.89
C PHE B 308 4.20 9.26 -18.71
N LEU B 309 3.56 9.60 -17.59
CA LEU B 309 3.12 10.95 -17.30
C LEU B 309 4.27 11.81 -16.78
N MSE C 7 4.04 -7.25 20.11
CA MSE C 7 4.00 -5.85 19.69
C MSE C 7 3.69 -5.74 18.20
O MSE C 7 3.44 -4.66 17.69
CB MSE C 7 5.32 -5.15 20.02
CG MSE C 7 5.58 -5.07 21.53
SE MSE C 7 3.97 -4.59 22.58
CE MSE C 7 3.27 -6.34 23.07
N ARG C 8 3.68 -6.90 17.52
CA ARG C 8 3.24 -6.94 16.13
C ARG C 8 1.80 -6.48 15.99
N VAL C 9 1.00 -6.60 17.06
CA VAL C 9 -0.37 -6.11 17.04
C VAL C 9 -0.44 -4.62 16.76
N PHE C 10 0.67 -3.90 16.93
CA PHE C 10 0.73 -2.48 16.63
C PHE C 10 1.48 -2.19 15.35
N ASN C 11 1.85 -3.20 14.59
CA ASN C 11 2.70 -2.98 13.43
C ASN C 11 1.85 -2.77 12.18
N PRO C 12 2.01 -1.66 11.44
CA PRO C 12 1.17 -1.46 10.24
C PRO C 12 1.31 -2.57 9.22
N SER C 13 2.50 -3.15 9.07
CA SER C 13 2.72 -4.20 8.08
C SER C 13 1.95 -5.47 8.41
N TYR C 14 1.61 -5.68 9.68
CA TYR C 14 0.73 -6.78 10.04
C TYR C 14 -0.63 -6.62 9.37
N TYR C 15 -1.26 -5.46 9.54
CA TYR C 15 -2.57 -5.20 8.96
C TYR C 15 -2.51 -5.11 7.45
N THR C 16 -1.42 -4.59 6.88
CA THR C 16 -1.27 -4.59 5.44
C THR C 16 -1.25 -6.02 4.90
N ALA C 17 -0.54 -6.91 5.57
CA ALA C 17 -0.54 -8.31 5.18
C ALA C 17 -1.95 -8.89 5.23
N ILE C 18 -2.64 -8.67 6.34
CA ILE C 18 -4.00 -9.20 6.47
C ILE C 18 -4.89 -8.67 5.35
N ALA C 19 -4.74 -7.39 5.00
CA ALA C 19 -5.59 -6.83 3.95
C ALA C 19 -5.37 -7.56 2.62
N GLU C 20 -4.13 -7.88 2.30
CA GLU C 20 -3.84 -8.67 1.10
C GLU C 20 -4.36 -10.09 1.22
N ILE C 21 -4.26 -10.68 2.42
CA ILE C 21 -4.77 -12.04 2.61
C ILE C 21 -6.28 -12.07 2.37
N MSE C 22 -6.97 -11.04 2.83
CA MSE C 22 -8.41 -10.98 2.61
C MSE C 22 -8.77 -10.79 1.14
O MSE C 22 -9.77 -11.31 0.68
CB MSE C 22 -9.03 -9.91 3.48
CG MSE C 22 -8.74 -10.15 4.95
SE MSE C 22 -9.93 -11.60 5.51
CE MSE C 22 -8.71 -13.20 5.47
N LYS C 23 -7.93 -10.08 0.37
CA LYS C 23 -8.15 -10.04 -1.07
C LYS C 23 -8.00 -11.44 -1.67
N LEU C 24 -6.98 -12.18 -1.25
CA LEU C 24 -6.81 -13.56 -1.73
C LEU C 24 -8.01 -14.41 -1.35
N ARG C 25 -8.53 -14.20 -0.14
CA ARG C 25 -9.70 -14.94 0.32
C ARG C 25 -10.91 -14.72 -0.59
N SER C 26 -11.17 -13.47 -0.99
CA SER C 26 -12.28 -13.23 -1.92
C SER C 26 -12.06 -13.95 -3.24
N LYS C 27 -10.83 -13.94 -3.74
CA LYS C 27 -10.54 -14.67 -4.98
C LYS C 27 -10.75 -16.17 -4.78
N TYR C 28 -10.38 -16.67 -3.59
CA TYR C 28 -10.64 -18.07 -3.25
C TYR C 28 -12.12 -18.38 -3.24
N ILE C 29 -12.94 -17.49 -2.66
CA ILE C 29 -14.39 -17.69 -2.67
C ILE C 29 -14.90 -17.76 -4.10
N THR C 30 -14.41 -16.88 -4.96
CA THR C 30 -14.88 -16.81 -6.34
C THR C 30 -14.44 -18.03 -7.16
N ASN C 31 -13.21 -18.47 -6.97
CA ASN C 31 -12.62 -19.46 -7.87
C ASN C 31 -12.53 -20.86 -7.29
N ARG C 32 -12.67 -21.01 -5.97
CA ARG C 32 -12.61 -22.28 -5.25
C ARG C 32 -11.20 -22.87 -5.26
N SER C 33 -10.21 -22.11 -5.71
CA SER C 33 -8.81 -22.39 -5.49
C SER C 33 -8.04 -21.11 -5.77
N ILE C 34 -6.84 -21.02 -5.19
CA ILE C 34 -5.90 -19.93 -5.46
C ILE C 34 -4.50 -20.54 -5.54
N PHE C 35 -3.65 -19.91 -6.34
CA PHE C 35 -2.23 -20.23 -6.37
C PHE C 35 -1.44 -18.97 -6.11
N VAL C 36 -0.57 -19.00 -5.11
CA VAL C 36 0.19 -17.82 -4.69
C VAL C 36 1.65 -18.12 -4.94
N GLU C 37 2.31 -17.28 -5.74
CA GLU C 37 3.72 -17.43 -5.98
C GLU C 37 4.52 -17.12 -4.72
N GLY C 38 5.65 -17.84 -4.56
CA GLY C 38 6.47 -17.66 -3.36
C GLY C 38 6.92 -16.24 -3.11
N SER C 39 7.25 -15.51 -4.18
CA SER C 39 7.64 -14.11 -4.01
C SER C 39 6.52 -13.27 -3.40
N ASP C 40 5.26 -13.65 -3.65
CA ASP C 40 4.12 -12.96 -3.05
C ASP C 40 3.82 -13.46 -1.63
N MSE C 41 4.13 -14.72 -1.33
CA MSE C 41 3.93 -15.26 0.02
C MSE C 41 4.91 -14.66 1.04
O MSE C 41 4.52 -14.41 2.18
CB MSE C 41 4.10 -16.79 0.00
CG MSE C 41 2.99 -17.55 -0.71
SE MSE C 41 1.29 -17.40 0.27
CE MSE C 41 1.88 -17.75 2.09
N VAL C 42 6.17 -14.44 0.64
CA VAL C 42 7.19 -14.00 1.59
C VAL C 42 6.79 -12.75 2.37
N PRO C 43 6.36 -11.64 1.74
CA PRO C 43 5.99 -10.47 2.55
C PRO C 43 4.73 -10.70 3.36
N LEU C 44 3.84 -11.59 2.94
CA LEU C 44 2.70 -11.94 3.79
C LEU C 44 3.17 -12.66 5.04
N LEU C 45 4.05 -13.66 4.90
CA LEU C 45 4.50 -14.40 6.08
C LEU C 45 5.31 -13.49 7.01
N LEU C 46 6.16 -12.65 6.43
CA LEU C 46 6.89 -11.65 7.22
C LEU C 46 5.93 -10.74 7.99
N GLY C 47 4.86 -10.28 7.32
CA GLY C 47 3.91 -9.39 7.97
C GLY C 47 3.16 -10.06 9.10
N LEU C 48 2.99 -11.38 9.03
CA LEU C 48 2.36 -12.18 10.08
C LEU C 48 3.29 -12.51 11.23
N GLY C 49 4.60 -12.33 11.05
CA GLY C 49 5.52 -12.61 12.13
C GLY C 49 6.63 -13.57 11.81
N ALA C 50 6.76 -14.00 10.56
CA ALA C 50 7.88 -14.89 10.21
C ALA C 50 9.20 -14.13 10.27
N THR C 51 10.20 -14.72 10.92
CA THR C 51 11.52 -14.12 10.88
C THR C 51 12.25 -14.63 9.65
N ARG C 52 13.20 -13.82 9.17
CA ARG C 52 13.93 -14.21 7.97
C ARG C 52 14.86 -15.38 8.25
N ALA C 53 15.38 -15.48 9.48
CA ALA C 53 16.14 -16.67 9.86
C ALA C 53 15.28 -17.92 9.76
N ASP C 54 14.03 -17.85 10.24
CA ASP C 54 13.13 -19.01 10.15
C ASP C 54 12.74 -19.32 8.70
N LEU C 55 12.61 -18.28 7.86
CA LEU C 55 12.35 -18.53 6.44
C LEU C 55 13.53 -19.25 5.80
N ASP C 56 14.76 -18.91 6.19
CA ASP C 56 15.91 -19.69 5.74
C ASP C 56 15.85 -21.12 6.25
N ALA C 57 15.56 -21.29 7.54
CA ALA C 57 15.60 -22.63 8.14
C ALA C 57 14.51 -23.54 7.60
N LEU C 58 13.41 -22.97 7.08
CA LEU C 58 12.37 -23.77 6.44
C LEU C 58 12.89 -24.52 5.23
N GLN C 59 13.95 -24.03 4.60
CA GLN C 59 14.52 -24.71 3.46
C GLN C 59 15.45 -25.85 3.85
N ARG C 60 15.65 -26.08 5.15
CA ARG C 60 16.52 -27.13 5.64
C ARG C 60 15.81 -28.20 6.47
N VAL C 61 14.61 -27.92 6.97
CA VAL C 61 13.91 -28.83 7.89
C VAL C 61 13.58 -30.17 7.22
N SER C 62 13.38 -30.17 5.89
CA SER C 62 13.07 -31.42 5.21
C SER C 62 14.25 -32.38 5.17
N ASN C 63 15.44 -31.95 5.61
CA ASN C 63 16.58 -32.85 5.71
C ASN C 63 16.47 -33.84 6.88
N ASN C 64 15.57 -33.58 7.83
CA ASN C 64 15.47 -34.36 9.07
C ASN C 64 14.17 -35.15 9.17
N LEU C 65 13.55 -35.47 8.03
CA LEU C 65 12.31 -36.23 7.98
C LEU C 65 12.60 -37.72 8.22
N TYR C 66 11.55 -38.45 8.62
CA TYR C 66 11.75 -39.86 8.94
C TYR C 66 11.94 -40.67 7.67
N SER C 67 12.77 -41.72 7.77
CA SER C 67 13.13 -42.59 6.65
C SER C 67 12.94 -44.05 7.03
N ASP C 68 12.25 -44.80 6.16
CA ASP C 68 11.78 -46.16 6.34
C ASP C 68 12.12 -47.00 5.11
N PRO C 69 12.57 -48.26 5.27
CA PRO C 69 12.86 -49.07 4.08
C PRO C 69 11.61 -49.58 3.37
N THR C 70 10.44 -49.53 4.02
CA THR C 70 9.19 -49.91 3.34
C THR C 70 8.94 -49.05 2.12
N LEU C 71 9.19 -47.75 2.21
CA LEU C 71 9.19 -46.89 1.03
C LEU C 71 10.53 -46.16 0.92
N PRO C 72 11.41 -46.58 0.02
CA PRO C 72 12.62 -45.79 -0.27
C PRO C 72 12.35 -44.53 -1.07
N PHE C 73 11.12 -44.31 -1.52
CA PHE C 73 10.75 -43.15 -2.33
C PHE C 73 10.09 -42.04 -1.53
N ARG C 74 9.98 -42.19 -0.21
CA ARG C 74 9.24 -41.23 0.60
C ARG C 74 9.90 -41.06 1.97
N ARG C 75 10.18 -39.81 2.34
CA ARG C 75 10.59 -39.43 3.68
C ARG C 75 9.61 -38.38 4.18
N SER C 76 9.19 -38.51 5.44
CA SER C 76 8.10 -37.65 5.90
C SER C 76 8.05 -37.57 7.41
N ARG C 77 7.33 -36.55 7.89
CA ARG C 77 6.87 -36.42 9.25
C ARG C 77 5.47 -35.81 9.18
N ASN C 78 4.65 -36.07 10.19
CA ASN C 78 3.31 -35.49 10.19
C ASN C 78 2.89 -35.12 11.61
N GLY C 79 1.83 -34.31 11.67
CA GLY C 79 1.28 -33.85 12.92
C GLY C 79 -0.13 -33.35 12.71
N ARG C 80 -0.95 -33.51 13.74
CA ARG C 80 -2.31 -32.98 13.73
C ARG C 80 -2.33 -31.65 14.47
N PHE C 81 -2.99 -30.67 13.88
CA PHE C 81 -3.25 -29.40 14.53
C PHE C 81 -4.75 -29.15 14.57
N CYS C 82 -5.15 -28.21 15.41
CA CYS C 82 -6.53 -27.80 15.50
C CYS C 82 -6.61 -26.30 15.31
N PHE C 83 -7.39 -25.87 14.32
CA PHE C 83 -7.85 -24.50 14.25
C PHE C 83 -9.02 -24.38 15.20
N ASP C 84 -8.81 -23.67 16.31
CA ASP C 84 -9.83 -23.50 17.34
C ASP C 84 -10.34 -22.07 17.23
N PHE C 85 -11.54 -21.91 16.71
CA PHE C 85 -12.10 -20.58 16.49
C PHE C 85 -12.89 -20.06 17.68
N SER C 86 -12.85 -20.79 18.81
CA SER C 86 -13.29 -20.28 20.09
C SER C 86 -12.13 -19.63 20.85
N THR C 87 -11.01 -20.35 20.96
CA THR C 87 -9.79 -19.76 21.49
C THR C 87 -9.12 -18.84 20.48
N ARG C 88 -9.58 -18.82 19.23
CA ARG C 88 -8.96 -18.06 18.15
C ARG C 88 -7.46 -18.34 18.08
N SER C 89 -7.12 -19.62 18.04
CA SER C 89 -5.74 -20.05 18.08
C SER C 89 -5.61 -21.38 17.34
N VAL C 90 -4.37 -21.74 16.99
CA VAL C 90 -4.07 -23.04 16.41
C VAL C 90 -3.09 -23.73 17.36
N ARG C 91 -3.28 -25.04 17.54
CA ARG C 91 -2.52 -25.78 18.54
C ARG C 91 -2.16 -27.17 18.02
N ARG C 92 -1.05 -27.69 18.52
CA ARG C 92 -0.64 -29.05 18.25
C ARG C 92 -1.46 -30.02 19.10
N LEU C 93 -2.04 -31.03 18.45
CA LEU C 93 -2.78 -32.07 19.12
C LEU C 93 -1.93 -33.32 19.29
N GLU C 94 -2.35 -34.17 20.20
CA GLU C 94 -1.66 -35.43 20.48
C GLU C 94 -1.74 -36.37 19.28
N PHE C 95 -0.80 -37.31 19.24
CA PHE C 95 -0.85 -38.37 18.25
C PHE C 95 -2.13 -39.19 18.43
N GLN C 96 -2.74 -39.58 17.33
CA GLN C 96 -3.91 -40.45 17.33
C GLN C 96 -3.83 -41.36 16.11
N PRO C 97 -3.85 -42.69 16.30
CA PRO C 97 -3.74 -43.65 15.20
C PRO C 97 -5.07 -43.93 14.50
N ARG C 115 3.39 -47.04 18.85
CA ARG C 115 4.66 -46.31 18.92
C ARG C 115 5.02 -45.65 17.59
N VAL C 116 5.50 -44.40 17.66
CA VAL C 116 5.60 -43.55 16.47
C VAL C 116 6.87 -42.69 16.56
N PHE C 117 7.63 -42.65 15.46
CA PHE C 117 8.90 -41.92 15.40
C PHE C 117 8.96 -40.90 14.27
N ASP C 118 7.88 -40.72 13.51
CA ASP C 118 7.83 -39.73 12.44
C ASP C 118 6.93 -38.55 12.80
N GLU C 119 6.87 -38.18 14.09
CA GLU C 119 6.10 -37.01 14.49
C GLU C 119 6.81 -35.75 14.03
N VAL C 120 6.03 -34.76 13.57
CA VAL C 120 6.60 -33.43 13.31
C VAL C 120 7.22 -32.91 14.61
N GLN C 121 8.41 -32.34 14.51
CA GLN C 121 9.18 -31.92 15.69
C GLN C 121 9.11 -30.40 15.88
N ASP C 122 9.65 -29.95 17.02
CA ASP C 122 9.70 -28.52 17.30
C ASP C 122 10.46 -27.77 16.22
N GLU C 123 11.44 -28.44 15.58
CA GLU C 123 12.21 -27.80 14.51
C GLU C 123 11.31 -27.17 13.48
N LEU C 124 10.23 -27.85 13.11
CA LEU C 124 9.23 -27.31 12.18
C LEU C 124 8.16 -26.48 12.89
N GLN C 125 7.48 -27.06 13.88
CA GLN C 125 6.28 -26.43 14.44
C GLN C 125 6.58 -25.19 15.28
N LEU C 126 7.79 -24.98 15.76
CA LEU C 126 8.15 -23.72 16.39
C LEU C 126 8.80 -22.74 15.41
N ASN C 127 8.97 -23.12 14.16
CA ASN C 127 9.45 -22.21 13.12
C ASN C 127 8.37 -21.17 12.84
N THR C 128 8.72 -19.88 12.95
CA THR C 128 7.69 -18.84 12.85
C THR C 128 7.15 -18.67 11.44
N ALA C 129 7.87 -19.15 10.42
CA ALA C 129 7.34 -19.12 9.06
C ALA C 129 6.32 -20.25 8.86
N PHE C 130 6.60 -21.44 9.40
CA PHE C 130 5.61 -22.50 9.39
C PHE C 130 4.36 -22.05 10.13
N GLN C 131 4.54 -21.47 11.33
CA GLN C 131 3.40 -20.94 12.08
C GLN C 131 2.62 -19.92 11.26
N ALA C 132 3.31 -19.03 10.53
CA ALA C 132 2.60 -18.05 9.71
C ALA C 132 1.79 -18.74 8.61
N LEU C 133 2.32 -19.83 8.05
CA LEU C 133 1.60 -20.58 7.03
C LEU C 133 0.30 -21.14 7.58
N LEU C 134 0.32 -21.65 8.81
CA LEU C 134 -0.91 -22.09 9.48
C LEU C 134 -1.88 -20.93 9.66
N VAL C 135 -1.38 -19.79 10.16
CA VAL C 135 -2.24 -18.62 10.37
C VAL C 135 -2.85 -18.18 9.03
N PHE C 136 -2.01 -18.05 8.01
CA PHE C 136 -2.47 -17.69 6.67
C PHE C 136 -3.63 -18.58 6.22
N LYS C 137 -3.50 -19.90 6.41
CA LYS C 137 -4.55 -20.81 5.94
C LYS C 137 -5.85 -20.62 6.73
N GLY C 138 -5.76 -20.55 8.06
CA GLY C 138 -6.98 -20.40 8.85
C GLY C 138 -7.71 -19.11 8.53
N MSE C 139 -6.95 -18.05 8.27
CA MSE C 139 -7.50 -16.71 7.97
C MSE C 139 -8.32 -16.74 6.68
O MSE C 139 -9.34 -16.13 6.64
CB MSE C 139 -6.38 -15.69 7.82
CG MSE C 139 -6.08 -14.94 9.06
SE MSE C 139 -4.75 -13.58 8.79
CE MSE C 139 -4.14 -13.20 10.56
N ILE C 140 -7.83 -17.43 5.66
CA ILE C 140 -8.52 -17.50 4.38
C ILE C 140 -9.74 -18.42 4.47
N CYS C 141 -9.56 -19.63 5.03
CA CYS C 141 -10.64 -20.60 5.00
C CYS C 141 -11.77 -20.26 5.97
N HIS C 142 -11.46 -19.52 7.02
CA HIS C 142 -12.46 -19.09 7.99
C HIS C 142 -13.66 -18.42 7.33
N GLY C 143 -14.84 -18.96 7.59
CA GLY C 143 -16.06 -18.37 7.11
C GLY C 143 -16.40 -18.65 5.66
N VAL C 144 -15.58 -19.42 4.94
CA VAL C 144 -15.84 -19.70 3.53
C VAL C 144 -16.85 -20.83 3.44
N GLN C 145 -18.02 -20.52 2.86
CA GLN C 145 -19.06 -21.54 2.72
C GLN C 145 -18.69 -22.53 1.61
N THR C 146 -18.72 -23.82 1.94
CA THR C 146 -18.36 -24.88 1.01
C THR C 146 -19.41 -25.98 1.09
N THR C 147 -19.28 -26.96 0.19
CA THR C 147 -20.08 -28.20 0.23
C THR C 147 -19.76 -29.01 1.48
N HIS C 148 -20.80 -29.45 2.18
CA HIS C 148 -20.62 -30.16 3.46
C HIS C 148 -20.60 -31.66 3.24
N ARG C 149 -19.48 -32.29 3.62
CA ARG C 149 -19.41 -33.75 3.64
C ARG C 149 -20.37 -34.31 4.69
N PRO C 150 -21.25 -35.24 4.34
CA PRO C 150 -22.17 -35.80 5.34
C PRO C 150 -21.47 -36.45 6.52
N ARG C 151 -20.25 -36.95 6.35
CA ARG C 151 -19.61 -37.64 7.46
C ARG C 151 -18.97 -36.70 8.48
N LEU C 152 -19.04 -35.38 8.28
CA LEU C 152 -18.35 -34.43 9.14
C LEU C 152 -19.33 -33.43 9.77
N ASP C 153 -18.85 -32.79 10.84
CA ASP C 153 -19.69 -31.98 11.74
C ASP C 153 -19.36 -30.50 11.53
N TYR C 154 -20.21 -29.82 10.75
CA TYR C 154 -20.03 -28.42 10.42
C TYR C 154 -20.69 -27.47 11.40
N SER C 155 -21.24 -27.99 12.50
CA SER C 155 -21.61 -27.14 13.62
C SER C 155 -20.43 -26.92 14.57
N SER C 156 -19.34 -27.65 14.39
CA SER C 156 -18.16 -27.49 15.22
C SER C 156 -17.54 -26.11 15.03
N ASP C 157 -16.83 -25.65 16.06
CA ASP C 157 -15.97 -24.48 15.95
C ASP C 157 -14.49 -24.83 15.93
N LYS C 158 -14.16 -26.11 15.78
CA LYS C 158 -12.79 -26.57 15.65
C LYS C 158 -12.62 -27.28 14.31
N TRP C 159 -11.43 -27.16 13.72
CA TRP C 159 -11.02 -27.94 12.57
C TRP C 159 -9.85 -28.83 12.93
N VAL C 160 -9.75 -29.97 12.25
CA VAL C 160 -8.57 -30.82 12.32
C VAL C 160 -7.74 -30.54 11.09
N CYS C 161 -6.48 -30.17 11.30
CA CYS C 161 -5.52 -29.97 10.22
C CYS C 161 -4.41 -31.01 10.36
N THR C 162 -4.36 -31.94 9.42
CA THR C 162 -3.29 -32.94 9.39
C THR C 162 -2.22 -32.44 8.43
N LEU C 163 -1.04 -32.19 8.98
CA LEU C 163 0.06 -31.63 8.18
C LEU C 163 1.16 -32.65 7.95
N PHE C 164 1.51 -32.86 6.69
CA PHE C 164 2.66 -33.67 6.30
C PHE C 164 3.79 -32.81 5.76
N ASN C 165 4.98 -32.97 6.33
CA ASN C 165 6.21 -32.48 5.76
C ASN C 165 6.85 -33.66 5.02
N LEU C 166 6.97 -33.53 3.70
CA LEU C 166 7.12 -34.69 2.81
C LEU C 166 8.22 -34.45 1.80
N ARG C 167 9.18 -35.38 1.72
CA ARG C 167 10.20 -35.36 0.68
C ARG C 167 10.03 -36.60 -0.18
N THR C 168 9.76 -36.40 -1.46
CA THR C 168 9.68 -37.51 -2.40
C THR C 168 11.05 -37.72 -3.05
N VAL C 169 11.36 -38.97 -3.36
CA VAL C 169 12.64 -39.34 -3.96
C VAL C 169 12.38 -40.07 -5.27
N THR C 170 13.00 -39.60 -6.34
CA THR C 170 12.96 -40.21 -7.67
C THR C 170 14.34 -40.78 -7.96
N THR C 171 14.41 -42.06 -8.33
CA THR C 171 15.74 -42.60 -8.59
C THR C 171 15.80 -43.31 -9.93
N PRO C 172 16.96 -43.27 -10.62
CA PRO C 172 17.20 -43.83 -11.95
C PRO C 172 16.80 -45.30 -12.11
N LEU C 180 1.49 -42.45 -9.54
CA LEU C 180 0.83 -43.59 -8.93
C LEU C 180 -0.66 -43.32 -8.71
N GLU C 181 -0.98 -42.37 -7.82
CA GLU C 181 -2.36 -42.03 -7.52
C GLU C 181 -2.96 -41.16 -8.62
N GLY C 182 -4.20 -41.46 -9.00
CA GLY C 182 -4.86 -40.76 -10.08
C GLY C 182 -5.69 -39.59 -9.60
N VAL C 183 -6.64 -39.18 -10.45
CA VAL C 183 -7.63 -38.17 -10.09
C VAL C 183 -8.34 -38.58 -8.82
N HIS C 184 -8.40 -37.66 -7.85
CA HIS C 184 -8.95 -37.98 -6.54
C HIS C 184 -9.37 -36.72 -5.81
N THR C 185 -10.10 -36.93 -4.72
CA THR C 185 -10.28 -36.00 -3.61
C THR C 185 -9.45 -36.47 -2.42
N ASP C 186 -9.08 -35.54 -1.53
CA ASP C 186 -8.39 -35.91 -0.31
C ASP C 186 -9.32 -36.25 0.84
N GLY C 187 -10.62 -36.03 0.69
CA GLY C 187 -11.56 -36.35 1.75
C GLY C 187 -11.60 -35.34 2.85
N VAL C 188 -11.13 -34.11 2.60
CA VAL C 188 -11.15 -33.07 3.62
C VAL C 188 -11.95 -31.89 3.07
N ASP C 189 -11.86 -30.73 3.72
CA ASP C 189 -12.57 -29.55 3.21
C ASP C 189 -11.67 -28.63 2.38
N HIS C 190 -10.48 -28.33 2.90
CA HIS C 190 -9.50 -27.47 2.23
C HIS C 190 -8.15 -28.16 2.26
N THR C 191 -7.45 -28.14 1.12
CA THR C 191 -6.12 -28.71 1.01
C THR C 191 -5.14 -27.64 0.57
N MSE C 192 -4.00 -27.55 1.24
CA MSE C 192 -2.95 -26.57 0.87
C MSE C 192 -1.62 -27.29 0.67
O MSE C 192 -1.24 -28.07 1.52
CB MSE C 192 -2.82 -25.45 1.91
CG MSE C 192 -2.12 -24.22 1.42
SE MSE C 192 -2.12 -22.73 2.67
CE MSE C 192 -0.78 -23.19 3.95
N THR C 193 -0.95 -26.97 -0.43
CA THR C 193 0.37 -27.54 -0.71
C THR C 193 1.35 -26.41 -0.98
N THR C 194 2.33 -26.29 -0.08
CA THR C 194 3.38 -25.29 -0.11
C THR C 194 4.72 -25.95 -0.39
N TYR C 195 5.46 -25.41 -1.36
CA TYR C 195 6.72 -25.96 -1.83
C TYR C 195 7.87 -25.41 -0.99
N LEU C 196 8.71 -26.30 -0.48
CA LEU C 196 9.85 -25.89 0.32
C LEU C 196 11.17 -25.91 -0.45
N GLY C 197 11.29 -26.77 -1.46
CA GLY C 197 12.51 -26.84 -2.24
C GLY C 197 12.51 -28.10 -3.06
N SER C 198 13.54 -28.24 -3.89
CA SER C 198 13.74 -29.45 -4.67
C SER C 198 15.22 -29.54 -5.08
N LYS C 199 15.60 -30.71 -5.59
CA LYS C 199 16.95 -30.94 -6.09
C LYS C 199 16.89 -31.77 -7.37
N ASN C 200 17.57 -31.32 -8.43
CA ASN C 200 17.69 -32.05 -9.69
C ASN C 200 16.32 -32.30 -10.32
N MSE C 201 15.43 -31.33 -10.18
CA MSE C 201 14.10 -31.48 -10.75
C MSE C 201 14.02 -30.74 -12.09
O MSE C 201 14.36 -29.57 -12.20
CB MSE C 201 13.04 -30.94 -9.77
CG MSE C 201 11.61 -31.31 -10.13
SE MSE C 201 10.29 -30.74 -8.77
CE MSE C 201 10.54 -28.82 -8.90
N ASP C 202 13.62 -31.47 -13.14
CA ASP C 202 13.31 -30.85 -14.42
C ASP C 202 12.07 -29.97 -14.27
N LEU C 203 11.96 -28.94 -15.11
CA LEU C 203 10.83 -28.04 -14.98
C LEU C 203 10.19 -27.73 -16.32
N ALA C 204 10.99 -27.69 -17.39
CA ALA C 204 10.42 -27.51 -18.72
C ALA C 204 9.35 -28.55 -19.00
N ALA C 205 9.62 -29.80 -18.63
CA ALA C 205 8.59 -30.82 -18.76
C ALA C 205 7.49 -30.57 -17.73
N ASN C 206 6.41 -31.34 -17.84
CA ASN C 206 5.37 -31.27 -16.82
C ASN C 206 5.77 -32.13 -15.64
N SER C 207 6.79 -31.63 -14.95
CA SER C 207 7.34 -32.24 -13.74
C SER C 207 6.52 -31.77 -12.54
N ALA C 208 5.91 -32.72 -11.83
CA ALA C 208 5.20 -32.42 -10.59
C ALA C 208 4.20 -31.28 -10.80
N VAL C 209 3.37 -31.43 -11.82
CA VAL C 209 2.32 -30.46 -12.14
C VAL C 209 1.04 -30.90 -11.43
N THR C 210 0.36 -29.94 -10.78
CA THR C 210 -0.93 -30.21 -10.16
C THR C 210 -2.04 -29.80 -11.12
N PHE C 211 -2.89 -30.75 -11.49
CA PHE C 211 -4.07 -30.48 -12.31
C PHE C 211 -5.28 -30.44 -11.41
N MSE C 212 -6.19 -29.52 -11.69
CA MSE C 212 -7.47 -29.55 -11.04
C MSE C 212 -8.58 -29.74 -12.03
O MSE C 212 -8.57 -29.18 -13.13
CB MSE C 212 -7.70 -28.27 -10.25
CG MSE C 212 -7.20 -28.38 -8.83
SE MSE C 212 -7.28 -26.60 -8.12
CE MSE C 212 -5.61 -26.01 -8.76
N HIS C 213 -9.56 -30.55 -11.61
CA HIS C 213 -10.59 -31.07 -12.48
C HIS C 213 -11.95 -30.78 -11.86
N ASP C 214 -12.96 -30.63 -12.71
CA ASP C 214 -14.31 -30.54 -12.19
C ASP C 214 -14.79 -31.91 -11.71
N MSE C 215 -15.93 -31.92 -11.01
CA MSE C 215 -16.47 -33.14 -10.40
C MSE C 215 -16.83 -34.23 -11.41
O MSE C 215 -17.06 -35.37 -11.02
CB MSE C 215 -17.73 -32.88 -9.52
CG MSE C 215 -17.51 -32.09 -8.20
SE MSE C 215 -15.70 -32.28 -7.43
CE MSE C 215 -15.67 -33.44 -5.85
N ASN C 216 -16.89 -33.88 -12.69
CA ASN C 216 -17.23 -34.88 -13.70
C ASN C 216 -16.00 -35.60 -14.24
N GLU C 217 -14.80 -35.21 -13.85
CA GLU C 217 -13.64 -36.01 -14.21
C GLU C 217 -13.68 -37.34 -13.46
N GLU C 218 -13.12 -38.37 -14.09
CA GLU C 218 -13.22 -39.74 -13.60
C GLU C 218 -12.23 -39.98 -12.46
N THR C 219 -12.76 -40.27 -11.27
CA THR C 219 -11.94 -40.69 -10.13
C THR C 219 -11.07 -41.88 -10.53
N GLY C 220 -9.76 -41.74 -10.29
CA GLY C 220 -8.80 -42.79 -10.60
C GLY C 220 -8.15 -42.68 -11.95
N ALA C 221 -8.61 -41.78 -12.82
CA ALA C 221 -7.97 -41.56 -14.11
C ALA C 221 -6.48 -41.25 -13.95
N LYS C 222 -5.67 -41.80 -14.84
CA LYS C 222 -4.25 -41.43 -14.88
C LYS C 222 -4.10 -40.05 -15.51
N TYR C 223 -3.12 -39.28 -15.00
CA TYR C 223 -3.01 -37.88 -15.40
C TYR C 223 -2.80 -37.75 -16.90
N THR C 224 -2.22 -38.77 -17.52
CA THR C 224 -2.06 -38.76 -18.97
C THR C 224 -3.40 -38.85 -19.71
N GLU C 225 -4.46 -39.30 -19.04
CA GLU C 225 -5.74 -39.58 -19.68
C GLU C 225 -6.86 -38.64 -19.23
N ILE C 226 -6.54 -37.53 -18.60
CA ILE C 226 -7.59 -36.59 -18.21
C ILE C 226 -8.06 -35.82 -19.44
N LYS C 227 -9.34 -35.46 -19.44
CA LYS C 227 -9.95 -34.76 -20.56
C LYS C 227 -9.76 -33.25 -20.39
N PRO C 228 -9.18 -32.57 -21.37
CA PRO C 228 -9.08 -31.09 -21.29
C PRO C 228 -10.40 -30.38 -20.98
N GLN C 229 -11.54 -30.90 -21.45
CA GLN C 229 -12.81 -30.23 -21.22
C GLN C 229 -13.25 -30.25 -19.76
N ASN C 230 -12.63 -31.08 -18.93
CA ASN C 230 -12.92 -31.10 -17.50
C ASN C 230 -11.82 -30.47 -16.67
N LEU C 231 -10.82 -29.89 -17.32
CA LEU C 231 -9.70 -29.28 -16.63
C LEU C 231 -10.04 -27.88 -16.13
N ARG C 232 -9.85 -27.64 -14.83
CA ARG C 232 -10.14 -26.33 -14.26
C ARG C 232 -8.91 -25.47 -13.98
N SER C 233 -7.76 -26.08 -13.71
CA SER C 233 -6.52 -25.32 -13.79
C SER C 233 -5.35 -26.28 -13.82
N ARG C 234 -4.18 -25.70 -14.07
CA ARG C 234 -2.91 -26.40 -14.11
C ARG C 234 -1.89 -25.47 -13.44
N VAL C 235 -1.21 -25.96 -12.41
CA VAL C 235 -0.16 -25.20 -11.75
C VAL C 235 1.04 -26.11 -11.55
N GLN C 236 2.18 -25.49 -11.24
CA GLN C 236 3.41 -26.23 -11.00
C GLN C 236 4.22 -25.44 -9.99
N HIS C 237 4.38 -26.00 -8.79
CA HIS C 237 5.29 -25.42 -7.80
C HIS C 237 6.71 -25.42 -8.36
N ARG C 238 7.38 -24.27 -8.27
CA ARG C 238 8.74 -24.13 -8.80
C ARG C 238 9.69 -23.46 -7.80
N HIS C 239 9.18 -22.55 -6.99
CA HIS C 239 10.02 -21.66 -6.19
C HIS C 239 9.56 -21.68 -4.75
N PHE C 240 10.51 -21.43 -3.85
CA PHE C 240 10.29 -21.43 -2.42
C PHE C 240 9.01 -20.71 -2.05
N LEU C 241 8.10 -21.42 -1.39
CA LEU C 241 6.80 -20.97 -0.85
C LEU C 241 5.69 -20.82 -1.88
N ASP C 242 5.88 -21.20 -3.15
CA ASP C 242 4.74 -21.43 -4.02
C ASP C 242 3.69 -22.24 -3.28
N THR C 243 2.43 -21.80 -3.36
CA THR C 243 1.37 -22.33 -2.50
C THR C 243 0.06 -22.48 -3.28
N LEU C 244 -0.53 -23.66 -3.23
CA LEU C 244 -1.83 -23.94 -3.84
C LEU C 244 -2.83 -24.28 -2.73
N LEU C 245 -3.95 -23.55 -2.69
CA LEU C 245 -5.06 -23.85 -1.80
C LEU C 245 -6.29 -24.20 -2.64
N LEU C 246 -7.00 -25.25 -2.27
CA LEU C 246 -8.15 -25.69 -3.05
C LEU C 246 -9.24 -26.20 -2.13
N VAL C 247 -10.49 -25.96 -2.54
CA VAL C 247 -11.66 -26.52 -1.86
C VAL C 247 -11.77 -27.99 -2.30
N ASP C 248 -11.45 -28.90 -1.38
CA ASP C 248 -11.31 -30.31 -1.69
C ASP C 248 -12.64 -30.99 -2.00
N THR C 249 -13.75 -30.43 -1.51
CA THR C 249 -15.07 -30.99 -1.78
C THR C 249 -15.66 -30.55 -3.11
N GLU C 250 -15.06 -29.57 -3.79
CA GLU C 250 -15.62 -29.08 -5.03
C GLU C 250 -14.64 -29.13 -6.20
N ASN C 251 -13.44 -29.65 -5.99
CA ASN C 251 -12.48 -29.95 -7.03
C ASN C 251 -12.06 -31.41 -6.92
N LYS C 252 -11.62 -31.97 -8.04
CA LYS C 252 -10.75 -33.12 -8.03
C LYS C 252 -9.36 -32.67 -8.46
N HIS C 253 -8.33 -33.45 -8.11
CA HIS C 253 -7.00 -33.08 -8.53
C HIS C 253 -6.15 -34.30 -8.80
N SER C 254 -5.02 -34.06 -9.45
CA SER C 254 -4.05 -35.09 -9.78
C SER C 254 -2.68 -34.44 -9.85
N LEU C 255 -1.65 -35.24 -9.59
CA LEU C 255 -0.27 -34.77 -9.60
C LEU C 255 0.52 -35.66 -10.55
N SER C 256 1.38 -35.05 -11.35
CA SER C 256 2.23 -35.82 -12.24
C SER C 256 3.55 -36.11 -11.55
N PRO C 257 4.27 -37.13 -11.99
CA PRO C 257 5.51 -37.51 -11.29
C PRO C 257 6.58 -36.44 -11.41
N VAL C 258 7.43 -36.37 -10.38
CA VAL C 258 8.64 -35.55 -10.48
C VAL C 258 9.53 -36.13 -11.57
N LEU C 259 10.08 -35.24 -12.40
CA LEU C 259 11.02 -35.65 -13.44
C LEU C 259 12.42 -35.16 -13.12
N PRO C 260 13.44 -36.03 -13.14
CA PRO C 260 14.80 -35.55 -12.90
C PRO C 260 15.34 -34.82 -14.11
N LEU C 261 15.99 -33.68 -13.85
CA LEU C 261 16.70 -32.98 -14.92
C LEU C 261 17.81 -33.86 -15.49
N ASP C 262 18.74 -34.26 -14.63
CA ASP C 262 19.79 -35.22 -14.97
C ASP C 262 19.26 -36.62 -14.67
N GLU C 263 18.97 -37.40 -15.71
CA GLU C 263 18.38 -38.72 -15.56
C GLU C 263 19.25 -39.68 -14.76
N THR C 264 20.55 -39.41 -14.65
CA THR C 264 21.45 -40.31 -13.94
C THR C 264 21.49 -40.08 -12.45
N LYS C 265 20.78 -39.07 -11.93
CA LYS C 265 20.79 -38.73 -10.52
C LYS C 265 19.37 -38.79 -9.93
N GLU C 266 19.31 -38.79 -8.60
CA GLU C 266 18.03 -38.78 -7.92
C GLU C 266 17.46 -37.36 -7.89
N ALA C 267 16.12 -37.28 -7.85
CA ALA C 267 15.40 -36.03 -7.73
C ALA C 267 14.55 -36.04 -6.47
N THR C 268 14.52 -34.92 -5.76
CA THR C 268 13.70 -34.77 -4.57
C THR C 268 12.86 -33.51 -4.67
N ARG C 269 11.72 -33.52 -3.97
CA ARG C 269 10.79 -32.40 -3.94
C ARG C 269 10.21 -32.33 -2.53
N ASP C 270 10.32 -31.17 -1.90
CA ASP C 270 10.01 -31.02 -0.49
C ASP C 270 8.77 -30.16 -0.37
N MSE C 271 7.74 -30.68 0.29
CA MSE C 271 6.45 -29.99 0.45
C MSE C 271 5.99 -29.95 1.89
O MSE C 271 6.30 -30.85 2.67
CB MSE C 271 5.34 -30.69 -0.35
CG MSE C 271 5.64 -30.96 -1.81
SE MSE C 271 5.84 -29.33 -2.91
CE MSE C 271 3.98 -28.67 -2.68
N LEU C 272 5.16 -28.96 2.19
CA LEU C 272 4.23 -29.02 3.31
C LEU C 272 2.83 -29.23 2.73
N ILE C 273 2.12 -30.25 3.22
CA ILE C 273 0.79 -30.59 2.76
C ILE C 273 -0.15 -30.50 3.95
N PHE C 274 -1.09 -29.54 3.90
CA PHE C 274 -2.07 -29.27 4.94
C PHE C 274 -3.42 -29.84 4.53
N PHE C 275 -3.95 -30.79 5.30
CA PHE C 275 -5.28 -31.37 5.06
C PHE C 275 -6.21 -30.90 6.17
N THR C 276 -7.15 -30.01 5.85
CA THR C 276 -8.00 -29.40 6.87
C THR C 276 -9.47 -29.77 6.67
N ARG C 277 -10.14 -30.16 7.76
CA ARG C 277 -11.53 -30.60 7.67
C ARG C 277 -12.21 -30.40 9.03
N ARG C 278 -13.56 -30.35 8.99
CA ARG C 278 -14.35 -30.37 10.22
C ARG C 278 -14.20 -31.75 10.89
N PRO C 279 -14.41 -31.83 12.20
CA PRO C 279 -14.31 -33.13 12.87
C PRO C 279 -15.33 -34.11 12.32
N VAL C 280 -15.03 -35.40 12.53
CA VAL C 280 -15.95 -36.46 12.14
C VAL C 280 -17.21 -36.38 13.00
N LYS C 281 -18.36 -36.47 12.34
CA LYS C 281 -19.65 -36.35 13.01
C LYS C 281 -19.85 -37.52 13.97
N LYS C 282 -20.28 -37.20 15.19
CA LYS C 282 -20.33 -38.18 16.25
C LYS C 282 -21.55 -39.10 16.12
N GLY C 283 -22.60 -38.64 15.45
CA GLY C 283 -23.74 -39.49 15.15
C GLY C 283 -23.40 -40.57 14.14
N ASN C 291 -14.22 -43.25 13.45
CA ASN C 291 -13.64 -42.95 14.76
C ASN C 291 -13.61 -41.43 15.01
N ILE C 292 -13.86 -41.05 16.26
CA ILE C 292 -13.96 -39.65 16.64
C ILE C 292 -12.56 -39.04 16.73
N ASP C 293 -12.45 -37.76 16.35
CA ASP C 293 -11.18 -37.05 16.41
C ASP C 293 -10.86 -36.66 17.84
N SER C 294 -9.63 -36.91 18.27
CA SER C 294 -9.18 -36.48 19.58
C SER C 294 -8.66 -35.05 19.48
N PHE C 295 -9.13 -34.19 20.40
CA PHE C 295 -8.65 -32.82 20.50
C PHE C 295 -7.78 -32.60 21.74
N ARG C 296 -7.30 -33.66 22.37
CA ARG C 296 -6.36 -33.49 23.46
C ARG C 296 -5.08 -32.85 22.92
N PRO C 297 -4.53 -31.84 23.59
CA PRO C 297 -3.28 -31.25 23.12
C PRO C 297 -2.10 -32.19 23.34
N HIS C 298 -1.08 -31.99 22.52
CA HIS C 298 0.12 -32.80 22.62
C HIS C 298 0.86 -32.46 23.92
N GLU C 299 1.29 -33.49 24.63
CA GLU C 299 1.95 -33.24 25.91
C GLU C 299 3.46 -33.18 25.82
N GLU C 300 4.08 -33.94 24.91
CA GLU C 300 5.52 -33.81 24.73
C GLU C 300 5.88 -32.65 23.81
N LEU C 301 5.02 -32.36 22.82
CA LEU C 301 5.30 -31.36 21.79
C LEU C 301 4.21 -30.30 21.77
N PRO C 302 4.01 -29.56 22.85
CA PRO C 302 2.96 -28.55 22.86
C PRO C 302 3.32 -27.41 21.93
N MSE C 303 2.29 -26.87 21.27
CA MSE C 303 2.42 -25.65 20.49
C MSE C 303 1.06 -24.99 20.39
O MSE C 303 0.07 -25.65 20.12
CB MSE C 303 2.96 -25.92 19.08
CG MSE C 303 3.11 -24.63 18.27
SE MSE C 303 2.25 -24.60 16.50
CE MSE C 303 0.44 -24.41 17.08
N GLU C 304 1.00 -23.68 20.61
CA GLU C 304 -0.25 -22.93 20.47
C GLU C 304 0.08 -21.50 20.10
N VAL C 305 -0.46 -21.02 18.99
CA VAL C 305 -0.23 -19.63 18.60
C VAL C 305 -1.56 -18.98 18.25
N PRO C 306 -1.72 -17.69 18.53
CA PRO C 306 -2.97 -17.02 18.16
C PRO C 306 -3.12 -16.93 16.66
N LEU C 307 -4.37 -16.99 16.20
CA LEU C 307 -4.69 -16.73 14.81
C LEU C 307 -4.80 -15.24 14.55
N PHE C 308 -5.17 -14.48 15.57
CA PHE C 308 -5.33 -13.03 15.50
C PHE C 308 -4.66 -12.43 16.73
N LEU C 309 -3.89 -11.38 16.52
CA LEU C 309 -3.18 -10.73 17.61
C LEU C 309 -4.07 -9.74 18.37
N ARG D 8 15.76 -0.51 -12.72
CA ARG D 8 15.35 0.34 -11.60
C ARG D 8 14.11 1.14 -12.02
N VAL D 9 14.09 1.61 -13.27
CA VAL D 9 12.85 2.06 -13.88
C VAL D 9 11.80 0.95 -13.89
N PHE D 10 12.21 -0.27 -13.61
CA PHE D 10 11.32 -1.41 -13.53
C PHE D 10 11.11 -1.89 -12.11
N ASN D 11 11.67 -1.21 -11.12
CA ASN D 11 11.66 -1.75 -9.77
C ASN D 11 10.40 -1.29 -9.03
N PRO D 12 9.55 -2.20 -8.53
CA PRO D 12 8.33 -1.72 -7.84
C PRO D 12 8.60 -0.79 -6.67
N SER D 13 9.68 -1.03 -5.91
CA SER D 13 9.93 -0.20 -4.74
C SER D 13 10.26 1.24 -5.12
N TYR D 14 10.68 1.47 -6.36
CA TYR D 14 10.91 2.84 -6.81
C TYR D 14 9.59 3.61 -6.87
N TYR D 15 8.58 3.01 -7.50
CA TYR D 15 7.28 3.68 -7.59
C TYR D 15 6.56 3.72 -6.25
N THR D 16 6.73 2.71 -5.41
CA THR D 16 6.17 2.81 -4.06
C THR D 16 6.76 4.00 -3.33
N ALA D 17 8.05 4.24 -3.48
CA ALA D 17 8.66 5.41 -2.85
C ALA D 17 8.09 6.71 -3.42
N ILE D 18 7.96 6.80 -4.74
CA ILE D 18 7.39 8.01 -5.34
C ILE D 18 5.98 8.25 -4.80
N ALA D 19 5.18 7.18 -4.68
CA ALA D 19 3.81 7.36 -4.17
C ALA D 19 3.82 8.01 -2.79
N GLU D 20 4.71 7.54 -1.92
CA GLU D 20 4.80 8.14 -0.59
C GLU D 20 5.29 9.59 -0.67
N ILE D 21 6.23 9.87 -1.56
CA ILE D 21 6.74 11.24 -1.70
C ILE D 21 5.62 12.17 -2.18
N MSE D 22 4.74 11.66 -3.04
CA MSE D 22 3.63 12.47 -3.53
C MSE D 22 2.63 12.78 -2.40
O MSE D 22 2.04 13.86 -2.38
CB MSE D 22 2.95 11.75 -4.70
CG MSE D 22 3.81 11.67 -5.96
SE MSE D 22 4.26 13.45 -6.62
CE MSE D 22 6.13 13.54 -6.06
N LYS D 23 2.45 11.86 -1.46
CA LYS D 23 1.66 12.15 -0.27
C LYS D 23 2.32 13.25 0.58
N LEU D 24 3.64 13.19 0.77
CA LEU D 24 4.32 14.28 1.45
C LEU D 24 4.13 15.59 0.69
N ARG D 25 4.16 15.51 -0.64
CA ARG D 25 4.01 16.70 -1.46
C ARG D 25 2.64 17.35 -1.25
N SER D 26 1.59 16.54 -1.14
CA SER D 26 0.26 17.08 -0.82
C SER D 26 0.26 17.79 0.52
N LYS D 27 0.93 17.22 1.51
CA LYS D 27 0.97 17.86 2.82
C LYS D 27 1.78 19.15 2.78
N TYR D 28 2.83 19.16 1.97
CA TYR D 28 3.61 20.38 1.74
C TYR D 28 2.74 21.48 1.14
N ILE D 29 1.95 21.13 0.11
CA ILE D 29 1.04 22.11 -0.49
C ILE D 29 0.10 22.69 0.56
N THR D 30 -0.42 21.82 1.43
CA THR D 30 -1.40 22.25 2.43
C THR D 30 -0.78 23.08 3.54
N ASN D 31 0.40 22.68 4.03
CA ASN D 31 0.95 23.34 5.20
C ASN D 31 2.10 24.30 4.90
N ARG D 32 2.63 24.29 3.68
CA ARG D 32 3.74 25.14 3.23
C ARG D 32 5.06 24.79 3.93
N SER D 33 5.09 23.73 4.74
CA SER D 33 6.32 23.08 5.16
C SER D 33 5.98 21.65 5.56
N ILE D 34 7.02 20.83 5.67
CA ILE D 34 6.91 19.46 6.17
C ILE D 34 8.18 19.15 6.95
N PHE D 35 8.04 18.34 8.00
CA PHE D 35 9.18 17.76 8.70
C PHE D 35 9.09 16.24 8.58
N VAL D 36 10.14 15.61 8.09
CA VAL D 36 10.13 14.17 7.86
C VAL D 36 11.22 13.56 8.73
N GLU D 37 10.82 12.62 9.59
CA GLU D 37 11.77 11.98 10.48
C GLU D 37 12.73 11.08 9.70
N GLY D 38 13.98 11.01 10.16
CA GLY D 38 14.99 10.27 9.42
C GLY D 38 14.61 8.82 9.17
N SER D 39 13.95 8.20 10.15
CA SER D 39 13.54 6.81 10.01
C SER D 39 12.56 6.63 8.88
N ASP D 40 11.73 7.66 8.60
CA ASP D 40 10.83 7.63 7.45
C ASP D 40 11.53 8.01 6.15
N MSE D 41 12.60 8.81 6.21
CA MSE D 41 13.35 9.14 4.99
C MSE D 41 14.11 7.96 4.41
O MSE D 41 14.24 7.84 3.17
CB MSE D 41 14.36 10.27 5.24
CG MSE D 41 13.72 11.61 5.52
SE MSE D 41 12.91 12.38 3.93
CE MSE D 41 14.40 12.49 2.70
N VAL D 42 14.64 7.09 5.28
CA VAL D 42 15.54 6.03 4.80
C VAL D 42 14.87 5.15 3.75
N PRO D 43 13.66 4.60 3.96
CA PRO D 43 13.08 3.77 2.89
C PRO D 43 12.78 4.55 1.64
N LEU D 44 12.42 5.83 1.76
CA LEU D 44 12.24 6.65 0.57
C LEU D 44 13.55 6.74 -0.22
N LEU D 45 14.66 7.07 0.46
CA LEU D 45 15.91 7.23 -0.27
C LEU D 45 16.36 5.91 -0.88
N LEU D 46 16.15 4.79 -0.17
CA LEU D 46 16.47 3.48 -0.71
C LEU D 46 15.69 3.23 -1.99
N GLY D 47 14.37 3.45 -1.94
CA GLY D 47 13.55 3.24 -3.12
C GLY D 47 13.99 4.06 -4.31
N LEU D 48 14.56 5.24 -4.04
CA LEU D 48 15.06 6.08 -5.13
C LEU D 48 16.41 5.64 -5.67
N GLY D 49 17.14 4.79 -4.95
CA GLY D 49 18.41 4.32 -5.47
C GLY D 49 19.57 4.41 -4.52
N ALA D 50 19.35 4.91 -3.31
CA ALA D 50 20.42 5.01 -2.33
C ALA D 50 20.87 3.62 -1.89
N THR D 51 22.19 3.40 -1.85
CA THR D 51 22.72 2.16 -1.28
C THR D 51 22.92 2.34 0.22
N ARG D 52 22.88 1.21 0.93
CA ARG D 52 23.13 1.25 2.37
C ARG D 52 24.53 1.74 2.69
N ALA D 53 25.51 1.39 1.84
CA ALA D 53 26.88 1.84 2.06
C ALA D 53 26.99 3.35 1.93
N ASP D 54 26.27 3.94 0.95
CA ASP D 54 26.30 5.39 0.80
C ASP D 54 25.56 6.11 1.93
N LEU D 55 24.51 5.49 2.45
CA LEU D 55 23.86 6.05 3.64
C LEU D 55 24.83 6.05 4.82
N ASP D 56 25.62 4.99 4.96
CA ASP D 56 26.69 4.99 5.96
C ASP D 56 27.67 6.12 5.70
N ALA D 57 28.13 6.23 4.46
CA ALA D 57 29.19 7.17 4.14
C ALA D 57 28.72 8.61 4.31
N LEU D 58 27.42 8.85 4.13
CA LEU D 58 26.85 10.17 4.36
C LEU D 58 27.13 10.67 5.76
N GLN D 59 27.32 9.77 6.71
CA GLN D 59 27.56 10.19 8.08
C GLN D 59 29.02 10.53 8.34
N ARG D 60 29.89 10.38 7.35
CA ARG D 60 31.31 10.67 7.48
C ARG D 60 31.76 11.82 6.59
N VAL D 61 30.99 12.19 5.57
CA VAL D 61 31.47 13.13 4.57
C VAL D 61 31.74 14.51 5.18
N SER D 62 31.06 14.83 6.28
CA SER D 62 31.25 16.13 6.93
C SER D 62 32.61 16.25 7.63
N ASN D 63 33.39 15.16 7.70
CA ASN D 63 34.74 15.23 8.24
C ASN D 63 35.74 15.85 7.28
N ASN D 64 35.39 15.98 5.99
CA ASN D 64 36.31 16.47 4.98
C ASN D 64 35.90 17.82 4.42
N LEU D 65 35.21 18.62 5.23
CA LEU D 65 34.78 19.96 4.83
C LEU D 65 35.96 20.92 4.92
N TYR D 66 35.86 22.02 4.17
CA TYR D 66 36.91 23.03 4.19
C TYR D 66 36.95 23.76 5.52
N SER D 67 38.16 24.01 6.03
CA SER D 67 38.39 24.79 7.24
C SER D 67 39.08 26.09 6.86
N ASP D 68 38.39 27.21 7.07
CA ASP D 68 38.90 28.54 6.82
C ASP D 68 39.34 29.16 8.14
N PRO D 69 40.57 29.65 8.27
CA PRO D 69 40.88 30.44 9.48
C PRO D 69 40.09 31.74 9.57
N THR D 70 39.58 32.24 8.43
CA THR D 70 38.70 33.40 8.43
C THR D 70 37.46 33.17 9.30
N LEU D 71 36.88 31.97 9.25
CA LEU D 71 35.74 31.63 10.09
C LEU D 71 35.96 30.30 10.78
N PRO D 72 36.29 30.32 12.07
CA PRO D 72 36.57 29.09 12.83
C PRO D 72 35.36 28.42 13.45
N PHE D 73 34.15 28.97 13.30
CA PHE D 73 32.94 28.35 13.80
C PHE D 73 32.19 27.57 12.74
N ARG D 74 32.64 27.61 11.49
CA ARG D 74 32.02 26.91 10.38
C ARG D 74 33.08 26.14 9.61
N ARG D 75 32.77 24.90 9.27
CA ARG D 75 33.45 24.22 8.20
C ARG D 75 32.40 23.85 7.16
N SER D 76 32.74 24.07 5.89
CA SER D 76 31.70 23.90 4.87
C SER D 76 32.33 23.63 3.51
N ARG D 77 31.51 23.04 2.65
CA ARG D 77 31.69 22.99 1.21
C ARG D 77 30.36 23.37 0.60
N ASN D 78 30.38 23.84 -0.66
CA ASN D 78 29.13 24.15 -1.32
C ASN D 78 29.24 23.89 -2.81
N GLY D 79 28.08 23.80 -3.45
CA GLY D 79 28.02 23.58 -4.89
C GLY D 79 26.67 24.01 -5.41
N ARG D 80 26.64 24.39 -6.68
CA ARG D 80 25.41 24.80 -7.34
C ARG D 80 24.93 23.64 -8.21
N PHE D 81 23.64 23.34 -8.12
CA PHE D 81 23.01 22.32 -8.93
C PHE D 81 21.85 22.95 -9.69
N CYS D 82 21.41 22.27 -10.73
CA CYS D 82 20.29 22.75 -11.53
C CYS D 82 19.27 21.63 -11.63
N PHE D 83 18.07 21.88 -11.09
CA PHE D 83 16.93 21.04 -11.42
C PHE D 83 16.45 21.48 -12.80
N ASP D 84 16.64 20.61 -13.80
CA ASP D 84 16.30 20.90 -15.20
C ASP D 84 15.08 20.05 -15.56
N PHE D 85 13.94 20.70 -15.75
CA PHE D 85 12.71 19.96 -16.02
C PHE D 85 12.40 19.80 -17.51
N SER D 86 13.29 20.26 -18.40
CA SER D 86 13.19 19.87 -19.79
C SER D 86 14.01 18.61 -20.07
N THR D 87 15.23 18.53 -19.56
CA THR D 87 15.97 17.28 -19.58
C THR D 87 15.52 16.31 -18.51
N ARG D 88 14.66 16.74 -17.58
CA ARG D 88 14.13 15.90 -16.51
C ARG D 88 15.27 15.27 -15.68
N SER D 89 16.24 16.10 -15.31
CA SER D 89 17.43 15.66 -14.59
C SER D 89 17.93 16.79 -13.70
N VAL D 90 18.88 16.45 -12.83
CA VAL D 90 19.57 17.44 -12.00
C VAL D 90 21.07 17.28 -12.23
N ARG D 91 21.77 18.39 -12.39
CA ARG D 91 23.19 18.34 -12.74
C ARG D 91 23.98 19.33 -11.91
N ARG D 92 25.28 19.05 -11.79
CA ARG D 92 26.18 19.96 -11.12
C ARG D 92 26.59 21.07 -12.09
N LEU D 93 26.41 22.31 -11.66
CA LEU D 93 26.78 23.46 -12.46
C LEU D 93 28.18 23.90 -12.09
N GLU D 94 28.84 24.53 -13.06
CA GLU D 94 30.14 25.12 -12.80
C GLU D 94 30.07 26.13 -11.66
N PHE D 95 31.24 26.45 -11.13
CA PHE D 95 31.34 27.44 -10.07
C PHE D 95 31.07 28.84 -10.61
N GLN D 96 30.30 29.61 -9.85
CA GLN D 96 29.99 30.98 -10.24
C GLN D 96 30.22 31.88 -9.03
N PRO D 97 31.01 32.95 -9.16
CA PRO D 97 31.32 33.83 -8.03
C PRO D 97 30.33 35.00 -7.91
N ARG D 115 41.99 29.85 -6.93
CA ARG D 115 40.60 29.91 -7.36
C ARG D 115 39.65 29.73 -6.18
N VAL D 116 39.12 28.50 -6.03
CA VAL D 116 38.16 28.19 -4.96
C VAL D 116 38.45 26.79 -4.44
N PHE D 117 38.47 26.64 -3.12
CA PHE D 117 38.91 25.38 -2.51
C PHE D 117 37.87 24.71 -1.63
N ASP D 118 36.67 25.25 -1.53
CA ASP D 118 35.61 24.66 -0.73
C ASP D 118 34.47 24.16 -1.60
N GLU D 119 34.78 23.69 -2.81
CA GLU D 119 33.76 23.09 -3.65
C GLU D 119 33.35 21.73 -3.10
N VAL D 120 32.05 21.43 -3.20
CA VAL D 120 31.56 20.09 -2.93
C VAL D 120 32.24 19.12 -3.90
N GLN D 121 32.70 17.98 -3.38
CA GLN D 121 33.50 17.03 -4.13
C GLN D 121 32.67 15.81 -4.54
N ASP D 122 33.29 14.92 -5.30
CA ASP D 122 32.61 13.70 -5.73
C ASP D 122 32.20 12.84 -4.56
N GLU D 123 32.96 12.92 -3.44
CA GLU D 123 32.62 12.15 -2.25
C GLU D 123 31.17 12.38 -1.85
N LEU D 124 30.70 13.63 -1.90
CA LEU D 124 29.30 13.90 -1.64
C LEU D 124 28.43 13.72 -2.89
N GLN D 125 28.75 14.40 -3.98
CA GLN D 125 27.78 14.48 -5.08
C GLN D 125 27.64 13.17 -5.85
N LEU D 126 28.57 12.23 -5.73
CA LEU D 126 28.38 10.91 -6.30
C LEU D 126 27.85 9.90 -5.30
N ASN D 127 27.62 10.34 -4.06
CA ASN D 127 26.96 9.49 -3.08
C ASN D 127 25.49 9.34 -3.44
N THR D 128 25.00 8.09 -3.50
CA THR D 128 23.65 7.86 -4.03
C THR D 128 22.55 8.25 -3.05
N ALA D 129 22.86 8.34 -1.75
CA ALA D 129 21.91 8.89 -0.79
C ALA D 129 21.79 10.40 -0.94
N PHE D 130 22.92 11.08 -1.16
CA PHE D 130 22.86 12.51 -1.48
C PHE D 130 22.07 12.74 -2.76
N GLN D 131 22.38 11.98 -3.83
CA GLN D 131 21.61 12.09 -5.06
C GLN D 131 20.13 11.85 -4.82
N ALA D 132 19.79 10.85 -4.01
CA ALA D 132 18.40 10.59 -3.69
C ALA D 132 17.75 11.79 -2.99
N LEU D 133 18.52 12.51 -2.19
CA LEU D 133 17.95 13.66 -1.48
C LEU D 133 17.61 14.76 -2.48
N LEU D 134 18.48 14.98 -3.46
CA LEU D 134 18.18 15.94 -4.53
C LEU D 134 16.93 15.54 -5.29
N VAL D 135 16.80 14.27 -5.66
CA VAL D 135 15.62 13.82 -6.39
C VAL D 135 14.38 14.00 -5.53
N PHE D 136 14.47 13.62 -4.26
CA PHE D 136 13.37 13.83 -3.32
C PHE D 136 12.88 15.27 -3.33
N LYS D 137 13.81 16.23 -3.24
CA LYS D 137 13.41 17.63 -3.19
C LYS D 137 12.77 18.06 -4.50
N GLY D 138 13.43 17.75 -5.63
CA GLY D 138 12.88 18.13 -6.92
C GLY D 138 11.48 17.59 -7.14
N MSE D 139 11.24 16.34 -6.75
CA MSE D 139 9.93 15.76 -7.00
C MSE D 139 8.85 16.45 -6.16
O MSE D 139 7.71 16.61 -6.62
CB MSE D 139 9.93 14.25 -6.69
CG MSE D 139 10.58 13.37 -7.72
SE MSE D 139 10.36 11.52 -7.17
CE MSE D 139 10.71 10.55 -8.91
N ILE D 140 9.17 16.83 -4.94
CA ILE D 140 8.17 17.47 -4.09
C ILE D 140 7.88 18.89 -4.57
N CYS D 141 8.94 19.65 -4.90
CA CYS D 141 8.74 21.04 -5.25
C CYS D 141 8.17 21.23 -6.66
N HIS D 142 8.39 20.25 -7.54
CA HIS D 142 7.87 20.30 -8.90
C HIS D 142 6.37 20.59 -8.92
N GLY D 143 5.97 21.63 -9.66
CA GLY D 143 4.57 21.98 -9.84
C GLY D 143 3.90 22.70 -8.69
N VAL D 144 4.59 22.94 -7.59
CA VAL D 144 3.93 23.53 -6.41
C VAL D 144 3.84 25.04 -6.60
N GLN D 145 2.62 25.57 -6.61
CA GLN D 145 2.41 26.99 -6.82
C GLN D 145 2.73 27.75 -5.54
N THR D 146 3.57 28.78 -5.65
CA THR D 146 4.00 29.56 -4.51
C THR D 146 4.01 31.04 -4.89
N THR D 147 4.25 31.89 -3.89
CA THR D 147 4.45 33.32 -4.08
C THR D 147 5.68 33.58 -4.95
N HIS D 148 5.54 34.44 -5.95
CA HIS D 148 6.64 34.69 -6.89
C HIS D 148 7.46 35.91 -6.47
N ARG D 149 8.75 35.71 -6.27
CA ARG D 149 9.65 36.82 -5.97
C ARG D 149 9.82 37.68 -7.23
N PRO D 150 9.61 38.99 -7.15
CA PRO D 150 9.67 39.82 -8.36
C PRO D 150 11.01 39.76 -9.08
N ARG D 151 12.09 39.45 -8.38
CA ARG D 151 13.40 39.46 -9.03
C ARG D 151 13.75 38.16 -9.73
N LEU D 152 12.86 37.16 -9.71
CA LEU D 152 13.15 35.84 -10.26
C LEU D 152 12.22 35.52 -11.43
N ASP D 153 12.63 34.56 -12.27
CA ASP D 153 11.96 34.23 -13.54
C ASP D 153 11.23 32.90 -13.44
N TYR D 154 9.91 32.96 -13.22
CA TYR D 154 9.10 31.77 -13.02
C TYR D 154 8.55 31.19 -14.30
N SER D 155 8.97 31.69 -15.46
CA SER D 155 8.66 31.01 -16.71
C SER D 155 9.78 30.06 -17.13
N SER D 156 10.87 30.04 -16.37
CA SER D 156 11.94 29.11 -16.62
C SER D 156 11.47 27.68 -16.34
N ASP D 157 12.10 26.72 -17.02
CA ASP D 157 11.95 25.31 -16.66
C ASP D 157 13.17 24.77 -15.91
N LYS D 158 14.02 25.64 -15.39
CA LYS D 158 15.19 25.28 -14.61
C LYS D 158 15.14 25.97 -13.24
N TRP D 159 15.70 25.30 -12.22
CA TRP D 159 15.91 25.90 -10.92
C TRP D 159 17.40 25.86 -10.58
N VAL D 160 17.85 26.84 -9.80
CA VAL D 160 19.17 26.81 -9.21
C VAL D 160 19.01 26.29 -7.79
N CYS D 161 19.78 25.25 -7.45
CA CYS D 161 19.81 24.72 -6.10
C CYS D 161 21.23 24.91 -5.57
N THR D 162 21.39 25.81 -4.60
CA THR D 162 22.67 26.01 -3.94
C THR D 162 22.71 25.14 -2.69
N LEU D 163 23.66 24.23 -2.64
CA LEU D 163 23.75 23.23 -1.58
C LEU D 163 25.00 23.51 -0.75
N PHE D 164 24.83 23.61 0.57
CA PHE D 164 25.93 23.70 1.53
C PHE D 164 25.95 22.44 2.38
N ASN D 165 27.13 21.85 2.52
CA ASN D 165 27.39 20.83 3.53
C ASN D 165 28.14 21.54 4.64
N LEU D 166 27.53 21.67 5.81
CA LEU D 166 27.96 22.64 6.82
C LEU D 166 28.12 21.97 8.17
N ARG D 167 29.30 22.11 8.77
CA ARG D 167 29.51 21.71 10.16
C ARG D 167 29.68 22.98 10.99
N THR D 168 28.76 23.22 11.92
CA THR D 168 28.92 24.33 12.85
C THR D 168 29.68 23.85 14.08
N VAL D 169 30.45 24.75 14.68
CA VAL D 169 31.35 24.42 15.77
C VAL D 169 31.11 25.42 16.90
N THR D 170 30.71 24.92 18.07
CA THR D 170 30.52 25.74 19.27
C THR D 170 31.71 25.46 20.18
N THR D 171 32.69 26.38 20.17
CA THR D 171 33.87 26.22 21.02
C THR D 171 33.64 26.87 22.37
N PRO D 172 33.84 26.14 23.48
CA PRO D 172 33.48 26.43 24.87
C PRO D 172 33.42 27.92 25.25
N LEU D 180 21.90 34.22 16.10
CA LEU D 180 22.61 35.38 15.58
C LEU D 180 21.91 36.03 14.37
N GLU D 181 21.39 35.22 13.42
CA GLU D 181 20.85 35.80 12.19
C GLU D 181 19.45 36.39 12.38
N GLY D 182 18.66 35.89 13.33
CA GLY D 182 17.33 36.41 13.57
C GLY D 182 16.31 35.95 12.54
N VAL D 183 15.05 36.32 12.79
CA VAL D 183 13.95 35.92 11.91
C VAL D 183 14.19 36.46 10.50
N HIS D 184 14.06 35.58 9.49
CA HIS D 184 14.43 35.91 8.13
C HIS D 184 13.76 34.95 7.15
N THR D 185 13.80 35.31 5.88
CA THR D 185 13.75 34.34 4.79
C THR D 185 15.12 34.28 4.13
N ASP D 186 15.37 33.18 3.42
CA ASP D 186 16.65 32.94 2.77
C ASP D 186 16.74 33.55 1.37
N GLY D 187 15.68 34.22 0.91
CA GLY D 187 15.70 34.78 -0.42
C GLY D 187 15.51 33.80 -1.56
N VAL D 188 14.98 32.61 -1.29
CA VAL D 188 14.81 31.62 -2.35
C VAL D 188 13.33 31.21 -2.38
N ASP D 189 13.02 30.12 -3.09
CA ASP D 189 11.65 29.61 -3.15
C ASP D 189 11.41 28.47 -2.18
N HIS D 190 12.33 27.50 -2.13
CA HIS D 190 12.20 26.33 -1.26
C HIS D 190 13.53 26.10 -0.55
N THR D 191 13.48 25.89 0.77
CA THR D 191 14.67 25.57 1.55
C THR D 191 14.48 24.20 2.20
N MSE D 192 15.51 23.36 2.11
CA MSE D 192 15.53 22.06 2.77
C MSE D 192 16.76 21.93 3.66
O MSE D 192 17.86 22.21 3.21
CB MSE D 192 15.55 20.92 1.75
CG MSE D 192 15.29 19.52 2.31
SE MSE D 192 14.69 18.21 1.04
CE MSE D 192 16.44 17.57 0.34
N THR D 193 16.57 21.48 4.90
CA THR D 193 17.69 21.24 5.81
C THR D 193 17.58 19.80 6.31
N THR D 194 18.63 19.03 6.08
CA THR D 194 18.70 17.61 6.40
C THR D 194 19.88 17.37 7.34
N TYR D 195 19.62 16.67 8.43
CA TYR D 195 20.59 16.45 9.49
C TYR D 195 21.44 15.23 9.17
N LEU D 196 22.76 15.37 9.29
CA LEU D 196 23.63 14.23 9.08
C LEU D 196 24.20 13.66 10.36
N GLY D 197 24.35 14.46 11.40
CA GLY D 197 24.95 14.03 12.64
C GLY D 197 25.31 15.22 13.50
N SER D 198 25.78 14.91 14.70
CA SER D 198 26.25 15.92 15.64
C SER D 198 27.12 15.23 16.67
N LYS D 199 27.81 16.04 17.48
CA LYS D 199 28.69 15.55 18.53
C LYS D 199 28.55 16.46 19.73
N ASN D 200 28.29 15.88 20.90
CA ASN D 200 28.22 16.63 22.17
C ASN D 200 27.11 17.68 22.12
N MSE D 201 26.04 17.38 21.39
CA MSE D 201 24.93 18.31 21.29
C MSE D 201 23.88 18.04 22.36
O MSE D 201 23.35 16.94 22.46
CB MSE D 201 24.28 18.23 19.92
CG MSE D 201 23.15 19.20 19.69
SE MSE D 201 22.66 19.35 17.78
CE MSE D 201 21.26 18.10 17.77
N ASP D 202 23.59 19.08 23.14
CA ASP D 202 22.49 19.03 24.09
C ASP D 202 21.17 18.99 23.32
N LEU D 203 20.24 18.15 23.77
CA LEU D 203 18.93 18.05 23.13
C LEU D 203 17.83 18.72 23.94
N ALA D 204 18.18 19.68 24.78
CA ALA D 204 17.21 20.55 25.43
C ALA D 204 16.29 21.18 24.39
N ALA D 205 15.14 21.72 24.83
CA ALA D 205 14.11 22.21 23.92
C ALA D 205 14.50 23.50 23.20
N ASN D 206 15.72 24.00 23.40
CA ASN D 206 16.17 25.25 22.81
C ASN D 206 17.47 25.07 22.04
N SER D 207 17.93 23.84 21.86
CA SER D 207 19.22 23.60 21.23
C SER D 207 19.02 23.30 19.75
N ALA D 208 19.49 24.21 18.90
CA ALA D 208 19.40 24.09 17.45
C ALA D 208 17.96 23.76 17.02
N VAL D 209 17.02 24.56 17.51
CA VAL D 209 15.62 24.44 17.16
C VAL D 209 15.32 25.40 16.01
N THR D 210 14.57 24.94 15.01
CA THR D 210 14.11 25.81 13.92
C THR D 210 12.69 26.29 14.25
N PHE D 211 12.52 27.60 14.36
CA PHE D 211 11.21 28.21 14.57
C PHE D 211 10.63 28.64 13.23
N MSE D 212 9.35 28.33 13.02
CA MSE D 212 8.61 28.73 11.83
C MSE D 212 7.62 29.80 12.17
O MSE D 212 6.78 29.58 13.03
CB MSE D 212 7.86 27.55 11.23
CG MSE D 212 8.69 26.31 11.27
SE MSE D 212 9.80 26.42 9.72
CE MSE D 212 8.42 25.76 8.56
N HIS D 213 7.68 30.93 11.48
CA HIS D 213 6.82 32.07 11.76
C HIS D 213 5.95 32.37 10.55
N ASP D 214 4.77 32.93 10.80
CA ASP D 214 4.03 33.50 9.69
C ASP D 214 4.69 34.80 9.26
N MSE D 215 4.16 35.37 8.20
CA MSE D 215 4.78 36.57 7.57
C MSE D 215 4.68 37.82 8.44
O MSE D 215 5.40 38.73 8.21
CB MSE D 215 4.24 36.74 6.16
CG MSE D 215 4.51 35.54 5.28
SE MSE D 215 6.34 35.10 5.02
CE MSE D 215 7.16 36.36 3.90
N ASN D 216 3.81 37.83 9.41
CA ASN D 216 3.66 39.02 10.23
C ASN D 216 4.70 39.13 11.34
N GLU D 217 5.54 38.12 11.54
CA GLU D 217 6.65 38.27 12.46
C GLU D 217 7.67 39.24 11.88
N GLU D 218 8.28 40.04 12.76
CA GLU D 218 9.18 41.11 12.32
C GLU D 218 10.52 40.52 11.86
N THR D 219 10.88 40.81 10.60
CA THR D 219 12.20 40.40 10.12
C THR D 219 13.29 41.00 11.00
N GLY D 220 14.28 40.19 11.34
CA GLY D 220 15.38 40.62 12.18
C GLY D 220 15.21 40.35 13.65
N ALA D 221 13.98 40.12 14.13
CA ALA D 221 13.76 39.83 15.53
C ALA D 221 14.55 38.60 15.96
N LYS D 222 15.12 38.67 17.16
CA LYS D 222 15.69 37.52 17.83
C LYS D 222 14.66 36.96 18.81
N TYR D 223 15.02 35.89 19.50
CA TYR D 223 14.03 35.17 20.31
C TYR D 223 13.54 36.02 21.48
N THR D 224 14.27 37.05 21.85
CA THR D 224 13.86 38.01 22.86
C THR D 224 12.65 38.83 22.45
N GLU D 225 12.19 38.74 21.21
CA GLU D 225 11.05 39.54 20.81
C GLU D 225 10.11 38.84 19.83
N ILE D 226 10.30 37.56 19.55
CA ILE D 226 9.32 36.87 18.70
C ILE D 226 8.01 36.76 19.47
N LYS D 227 6.91 37.05 18.78
CA LYS D 227 5.60 37.00 19.38
C LYS D 227 5.01 35.60 19.23
N PRO D 228 4.41 35.05 20.29
CA PRO D 228 3.77 33.74 20.17
C PRO D 228 2.60 33.74 19.22
N GLN D 229 1.97 34.89 18.99
CA GLN D 229 0.85 34.95 18.06
C GLN D 229 1.29 34.59 16.64
N ASN D 230 2.58 34.72 16.33
CA ASN D 230 3.09 34.54 14.99
C ASN D 230 3.92 33.28 14.81
N LEU D 231 3.92 32.40 15.80
CA LEU D 231 4.72 31.18 15.73
C LEU D 231 3.86 30.05 15.21
N ARG D 232 4.24 29.49 14.06
CA ARG D 232 3.47 28.39 13.50
C ARG D 232 3.88 27.05 14.13
N SER D 233 5.17 26.71 14.02
CA SER D 233 5.67 25.47 14.60
C SER D 233 7.11 25.66 15.04
N ARG D 234 7.63 24.64 15.71
CA ARG D 234 9.04 24.52 15.99
C ARG D 234 9.43 23.05 15.81
N VAL D 235 10.59 22.83 15.20
CA VAL D 235 11.12 21.51 15.00
C VAL D 235 12.57 21.54 15.46
N GLN D 236 13.10 20.35 15.67
CA GLN D 236 14.48 20.19 16.12
C GLN D 236 15.00 18.92 15.46
N HIS D 237 15.94 19.07 14.52
CA HIS D 237 16.61 17.88 14.00
C HIS D 237 17.34 17.16 15.13
N ARG D 238 17.21 15.84 15.16
CA ARG D 238 17.84 15.02 16.20
C ARG D 238 18.50 13.76 15.67
N HIS D 239 18.00 13.15 14.60
CA HIS D 239 18.45 11.84 14.17
C HIS D 239 18.81 11.91 12.70
N PHE D 240 19.71 11.01 12.29
CA PHE D 240 20.21 10.94 10.93
C PHE D 240 19.08 11.01 9.91
N LEU D 241 19.15 11.99 9.02
CA LEU D 241 18.26 12.28 7.89
C LEU D 241 16.94 12.95 8.28
N ASP D 242 16.70 13.32 9.54
CA ASP D 242 15.65 14.30 9.84
C ASP D 242 15.70 15.43 8.82
N THR D 243 14.54 15.79 8.26
CA THR D 243 14.52 16.70 7.11
C THR D 243 13.36 17.67 7.26
N LEU D 244 13.67 18.97 7.20
CA LEU D 244 12.68 20.04 7.15
C LEU D 244 12.69 20.67 5.76
N LEU D 245 11.51 20.79 5.14
CA LEU D 245 11.34 21.44 3.84
C LEU D 245 10.34 22.57 4.01
N LEU D 246 10.64 23.76 3.50
CA LEU D 246 9.75 24.90 3.73
C LEU D 246 9.70 25.81 2.52
N VAL D 247 8.53 26.41 2.30
CA VAL D 247 8.37 27.43 1.25
C VAL D 247 8.92 28.75 1.78
N ASP D 248 10.04 29.17 1.22
CA ASP D 248 10.83 30.25 1.81
C ASP D 248 10.17 31.61 1.60
N THR D 249 9.27 31.72 0.62
CA THR D 249 8.53 32.95 0.36
C THR D 249 7.29 33.09 1.21
N GLU D 250 6.90 32.05 1.96
CA GLU D 250 5.64 32.02 2.69
C GLU D 250 5.77 31.65 4.17
N ASN D 251 6.99 31.37 4.65
CA ASN D 251 7.35 31.32 6.07
C ASN D 251 8.51 32.25 6.35
N LYS D 252 8.62 32.68 7.61
CA LYS D 252 9.89 33.19 8.09
C LYS D 252 10.40 32.16 9.09
N HIS D 253 11.72 32.16 9.32
CA HIS D 253 12.26 31.18 10.25
C HIS D 253 13.44 31.77 11.01
N SER D 254 13.83 31.04 12.05
CA SER D 254 15.01 31.35 12.83
C SER D 254 15.54 30.04 13.38
N LEU D 255 16.84 30.02 13.69
CA LEU D 255 17.53 28.81 14.13
C LEU D 255 18.30 29.17 15.39
N SER D 256 17.92 28.56 16.52
CA SER D 256 18.58 28.84 17.80
C SER D 256 19.95 28.18 17.85
N PRO D 257 20.85 28.67 18.71
CA PRO D 257 22.22 28.14 18.72
C PRO D 257 22.28 26.71 19.20
N VAL D 258 23.26 25.97 18.68
CA VAL D 258 23.62 24.67 19.21
C VAL D 258 24.12 24.82 20.64
N LEU D 259 23.55 24.03 21.57
CA LEU D 259 24.05 24.05 22.94
C LEU D 259 24.88 22.81 23.22
N PRO D 260 26.02 22.94 23.88
CA PRO D 260 26.84 21.75 24.19
C PRO D 260 26.30 21.01 25.40
N LEU D 261 26.26 19.68 25.28
CA LEU D 261 25.87 18.80 26.37
C LEU D 261 26.88 18.90 27.50
N ASP D 262 28.12 18.46 27.25
CA ASP D 262 29.26 18.70 28.12
C ASP D 262 29.83 20.09 27.81
N GLU D 263 29.59 21.06 28.68
CA GLU D 263 29.96 22.44 28.37
C GLU D 263 31.46 22.65 28.27
N THR D 264 32.29 21.67 28.65
CA THR D 264 33.74 21.83 28.57
C THR D 264 34.29 21.50 27.20
N LYS D 265 33.49 20.87 26.34
CA LYS D 265 33.95 20.42 25.04
C LYS D 265 33.18 21.11 23.92
N GLU D 266 33.78 21.09 22.73
CA GLU D 266 33.13 21.64 21.55
C GLU D 266 31.93 20.79 21.17
N ALA D 267 30.97 21.42 20.51
CA ALA D 267 29.81 20.75 19.94
C ALA D 267 29.75 21.04 18.46
N THR D 268 29.44 20.02 17.66
CA THR D 268 29.33 20.18 16.22
C THR D 268 27.96 19.69 15.75
N ARG D 269 27.50 20.25 14.63
CA ARG D 269 26.23 19.85 14.04
C ARG D 269 26.43 19.85 12.53
N ASP D 270 26.16 18.72 11.89
CA ASP D 270 26.43 18.53 10.47
C ASP D 270 25.11 18.52 9.71
N MSE D 271 24.98 19.43 8.73
CA MSE D 271 23.76 19.54 7.92
C MSE D 271 24.05 19.61 6.44
O MSE D 271 25.12 20.02 6.00
CB MSE D 271 22.96 20.81 8.27
CG MSE D 271 22.83 21.08 9.73
SE MSE D 271 21.46 19.85 10.43
CE MSE D 271 19.79 20.61 9.59
N LEU D 272 23.03 19.23 5.67
CA LEU D 272 22.91 19.56 4.26
C LEU D 272 21.81 20.61 4.14
N ILE D 273 22.15 21.77 3.59
CA ILE D 273 21.24 22.89 3.43
C ILE D 273 21.08 23.16 1.93
N PHE D 274 19.87 22.94 1.41
CA PHE D 274 19.56 23.13 -0.01
C PHE D 274 18.75 24.41 -0.16
N PHE D 275 19.27 25.35 -0.95
CA PHE D 275 18.61 26.63 -1.23
C PHE D 275 18.18 26.63 -2.69
N THR D 276 16.87 26.49 -2.96
CA THR D 276 16.38 26.31 -4.33
C THR D 276 15.49 27.46 -4.77
N ARG D 277 15.77 28.00 -5.95
CA ARG D 277 15.00 29.12 -6.47
C ARG D 277 15.01 29.11 -8.00
N ARG D 278 14.02 29.80 -8.58
CA ARG D 278 14.04 30.06 -10.02
C ARG D 278 15.21 31.01 -10.33
N PRO D 279 15.67 31.05 -11.59
CA PRO D 279 16.81 31.92 -11.90
C PRO D 279 16.42 33.40 -11.83
N VAL D 280 17.46 34.23 -11.75
CA VAL D 280 17.29 35.68 -11.74
C VAL D 280 16.74 36.13 -13.09
N LYS D 281 15.70 36.98 -13.04
CA LYS D 281 15.10 37.52 -14.25
C LYS D 281 16.12 38.41 -14.95
N LYS D 282 16.18 38.29 -16.28
CA LYS D 282 17.23 38.98 -17.02
C LYS D 282 16.92 40.47 -17.15
N GLY D 283 15.65 40.82 -17.35
CA GLY D 283 15.21 42.19 -17.57
C GLY D 283 15.90 43.29 -16.78
N ASN D 291 22.70 39.94 -11.52
CA ASN D 291 23.61 39.08 -12.27
C ASN D 291 22.94 37.77 -12.67
N ILE D 292 22.97 37.45 -13.97
CA ILE D 292 22.32 36.23 -14.42
C ILE D 292 23.03 35.03 -13.81
N ASP D 293 22.26 33.97 -13.58
CA ASP D 293 22.82 32.69 -13.19
C ASP D 293 23.42 32.01 -14.40
N SER D 294 24.57 31.37 -14.20
CA SER D 294 25.15 30.56 -15.25
C SER D 294 24.69 29.11 -15.07
N PHE D 295 24.26 28.49 -16.17
CA PHE D 295 23.85 27.10 -16.18
C PHE D 295 24.83 26.21 -16.93
N ARG D 296 26.04 26.70 -17.17
CA ARG D 296 27.06 25.86 -17.79
C ARG D 296 27.42 24.72 -16.84
N PRO D 297 27.46 23.49 -17.32
CA PRO D 297 27.74 22.37 -16.41
C PRO D 297 29.17 22.42 -15.92
N HIS D 298 29.43 21.68 -14.84
CA HIS D 298 30.77 21.65 -14.26
C HIS D 298 31.66 20.77 -15.13
N GLU D 299 32.78 21.33 -15.60
CA GLU D 299 33.65 20.58 -16.50
C GLU D 299 34.56 19.63 -15.72
N GLU D 300 35.01 20.04 -14.53
CA GLU D 300 35.93 19.25 -13.74
C GLU D 300 35.23 18.29 -12.79
N LEU D 301 34.01 18.59 -12.35
CA LEU D 301 33.27 17.74 -11.42
C LEU D 301 31.86 17.47 -11.96
N PRO D 302 31.75 16.92 -13.16
CA PRO D 302 30.43 16.70 -13.73
C PRO D 302 29.61 15.77 -12.85
N MSE D 303 28.30 15.91 -12.97
CA MSE D 303 27.36 15.03 -12.29
C MSE D 303 25.98 15.30 -12.86
O MSE D 303 25.62 16.46 -13.02
CB MSE D 303 27.38 15.30 -10.80
CG MSE D 303 26.52 14.38 -9.99
SE MSE D 303 24.89 15.30 -9.52
CE MSE D 303 24.53 14.40 -7.97
N GLU D 304 25.24 14.26 -13.18
CA GLU D 304 23.90 14.44 -13.75
C GLU D 304 23.12 13.15 -13.54
N VAL D 305 22.07 13.21 -12.73
CA VAL D 305 21.23 12.06 -12.42
C VAL D 305 19.86 12.36 -12.99
N PRO D 306 19.16 11.36 -13.56
CA PRO D 306 17.78 11.59 -13.98
C PRO D 306 16.94 11.99 -12.79
N LEU D 307 15.97 12.86 -13.03
CA LEU D 307 14.96 13.11 -12.03
C LEU D 307 13.89 12.03 -12.04
N PHE D 308 13.66 11.40 -13.20
CA PHE D 308 12.66 10.33 -13.37
C PHE D 308 13.22 9.20 -14.23
C TRS E . -10.11 21.60 24.80
C1 TRS E . -9.05 21.83 23.72
C2 TRS E . -10.29 22.92 25.53
C3 TRS E . -11.44 21.29 24.13
N TRS E . -9.73 20.50 25.70
O1 TRS E . -8.32 20.65 23.48
O2 TRS E . -9.11 23.25 26.23
O3 TRS E . -11.78 22.40 23.31
FE FE F . -8.74 21.71 27.45
C TRS G . -6.51 -15.58 -29.67
C1 TRS G . -7.46 -15.41 -30.86
C2 TRS G . -7.18 -14.92 -28.49
C3 TRS G . -6.50 -17.07 -29.42
N TRS G . -5.12 -15.09 -29.87
O1 TRS G . -7.07 -14.38 -31.73
O2 TRS G . -8.58 -15.06 -28.65
O3 TRS G . -5.84 -17.62 -30.53
FE FE H . -4.38 -16.84 -31.01
C TRS I . -1.62 -36.37 -2.53
C1 TRS I . -1.81 -36.10 -4.03
C2 TRS I . -0.83 -35.19 -1.94
C3 TRS I . -0.85 -37.65 -2.25
N TRS I . -2.98 -36.52 -1.95
O1 TRS I . -2.47 -34.85 -4.15
O2 TRS I . -0.89 -34.07 -2.83
O3 TRS I . -0.53 -37.71 -0.87
FE FE J . -4.42 -35.09 -3.16
C TRS K . 18.57 27.94 7.68
C1 TRS K . 17.50 27.22 8.50
C2 TRS K . 19.13 29.02 8.57
C3 TRS K . 19.72 26.98 7.40
N TRS K . 18.01 28.48 6.39
O1 TRS K . 16.76 26.32 7.70
O2 TRS K . 18.13 29.97 8.84
O3 TRS K . 20.22 26.56 8.65
FE FE L . 17.61 30.59 7.00
#